data_1CQD
#
_entry.id   1CQD
#
_cell.length_a   93.980
_cell.length_b   45.450
_cell.length_c   110.040
_cell.angle_alpha   90.00
_cell.angle_beta   105.03
_cell.angle_gamma   90.00
#
_symmetry.space_group_name_H-M   'P 1 21 1'
#
loop_
_entity.id
_entity.type
_entity.pdbx_description
1 polymer 'PROTEIN (PROTEASE II)'
2 branched beta-L-fucopyranose-(1-3)-[2-acetamido-2-deoxy-beta-D-glucopyranose-(1-4)]2-acetamido-2-deoxy-beta-D-glucopyranose
3 branched 2-acetamido-2-deoxy-beta-D-glucopyranose-(1-4)-2-acetamido-2-deoxy-beta-D-glucopyranose
4 branched alpha-L-fucopyranose-(1-3)-[2-acetamido-2-deoxy-beta-D-glucopyranose-(1-4)]2-acetamido-2-deoxy-beta-D-glucopyranose
5 non-polymer THIOSULFATE
6 non-polymer 2-acetamido-2-deoxy-beta-D-glucopyranose
7 water water
#
_entity_poly.entity_id   1
_entity_poly.type   'polypeptide(L)'
_entity_poly.pdbx_seq_one_letter_code
;DDLPDSIDWRENGAVVPVKNQGGCGSCWAFSTVAAVEGINQIVTGDLISLSEQQLVDCTTANHGCRGGWMNPAFQFIVNN
GGINSEETYPYRGQDGICNSTVNAPVVSIDSYENVPSHNEQSLQKAVANQPVSVTMDAAGRDFQLYRSGIFTGSCNISAN
HALTVVGYGTENDKDFWIVKNSWGKNWGESGYIRAERNIENPDGKCGITRFASYPVKKGTN
;
_entity_poly.pdbx_strand_id   A,B,C,D
#
loop_
_chem_comp.id
_chem_comp.type
_chem_comp.name
_chem_comp.formula
FUC L-saccharide, alpha linking alpha-L-fucopyranose 'C6 H12 O5'
FUL L-saccharide, beta linking beta-L-fucopyranose 'C6 H12 O5'
NAG D-saccharide, beta linking 2-acetamido-2-deoxy-beta-D-glucopyranose 'C8 H15 N O6'
THJ non-polymer THIOSULFATE 'O3 S2 -2'
#
# COMPACT_ATOMS: atom_id res chain seq x y z
N LEU A 3 -33.96 11.75 -37.65
CA LEU A 3 -33.07 10.89 -36.82
C LEU A 3 -33.85 10.18 -35.72
N PRO A 4 -33.58 8.88 -35.51
CA PRO A 4 -34.32 8.16 -34.46
C PRO A 4 -34.00 8.77 -33.10
N ASP A 5 -34.95 8.64 -32.17
CA ASP A 5 -34.78 9.18 -30.82
C ASP A 5 -33.69 8.39 -30.11
N SER A 6 -33.55 7.13 -30.48
CA SER A 6 -32.54 6.27 -29.87
C SER A 6 -32.19 5.13 -30.82
N ILE A 7 -31.02 4.54 -30.63
CA ILE A 7 -30.57 3.45 -31.47
C ILE A 7 -29.53 2.61 -30.74
N ASP A 8 -29.59 1.29 -30.95
CA ASP A 8 -28.65 0.37 -30.32
C ASP A 8 -28.26 -0.70 -31.32
N TRP A 9 -27.10 -0.54 -31.93
CA TRP A 9 -26.62 -1.49 -32.92
C TRP A 9 -26.38 -2.87 -32.34
N ARG A 10 -26.27 -2.95 -31.02
CA ARG A 10 -26.08 -4.24 -30.37
C ARG A 10 -27.36 -5.03 -30.51
N GLU A 11 -28.49 -4.34 -30.31
CA GLU A 11 -29.80 -4.97 -30.43
C GLU A 11 -30.08 -5.31 -31.88
N ASN A 12 -29.52 -4.52 -32.80
CA ASN A 12 -29.70 -4.75 -34.22
C ASN A 12 -28.80 -5.87 -34.72
N GLY A 13 -28.01 -6.44 -33.81
CA GLY A 13 -27.12 -7.53 -34.17
C GLY A 13 -25.88 -7.17 -34.96
N ALA A 14 -25.40 -5.94 -34.83
CA ALA A 14 -24.22 -5.51 -35.57
C ALA A 14 -22.97 -5.36 -34.69
N VAL A 15 -23.02 -5.90 -33.47
CA VAL A 15 -21.90 -5.80 -32.55
C VAL A 15 -21.51 -7.13 -31.92
N VAL A 16 -20.23 -7.46 -31.99
CA VAL A 16 -19.73 -8.70 -31.40
C VAL A 16 -19.40 -8.43 -29.93
N PRO A 17 -19.36 -9.48 -29.10
CA PRO A 17 -19.05 -9.33 -27.68
C PRO A 17 -17.84 -8.44 -27.40
N VAL A 18 -17.82 -7.82 -26.23
CA VAL A 18 -16.73 -6.94 -25.82
C VAL A 18 -15.42 -7.70 -25.74
N LYS A 19 -14.34 -7.09 -26.23
CA LYS A 19 -13.03 -7.71 -26.21
C LYS A 19 -12.11 -6.99 -25.22
N ASN A 20 -10.91 -7.53 -25.03
CA ASN A 20 -9.94 -6.94 -24.11
C ASN A 20 -8.58 -6.78 -24.78
N GLN A 21 -8.14 -5.54 -24.93
CA GLN A 21 -6.86 -5.24 -25.55
C GLN A 21 -5.68 -5.64 -24.67
N GLY A 22 -5.96 -5.89 -23.40
CA GLY A 22 -4.91 -6.28 -22.48
C GLY A 22 -3.90 -5.17 -22.23
N GLY A 23 -2.65 -5.56 -21.99
CA GLY A 23 -1.61 -4.59 -21.72
C GLY A 23 -0.97 -4.03 -22.98
N CYS A 24 -1.71 -4.04 -24.09
CA CYS A 24 -1.21 -3.54 -25.36
C CYS A 24 -1.98 -2.27 -25.74
N GLY A 25 -1.23 -1.22 -26.10
CA GLY A 25 -1.87 0.02 -26.48
C GLY A 25 -2.42 -0.03 -27.89
N SER A 26 -3.42 -0.88 -28.11
CA SER A 26 -4.01 -1.05 -29.43
C SER A 26 -5.49 -0.69 -29.47
N CYS A 27 -5.91 0.22 -28.60
CA CYS A 27 -7.32 0.64 -28.56
C CYS A 27 -7.77 1.08 -29.96
N TRP A 28 -6.88 1.77 -30.67
CA TRP A 28 -7.20 2.24 -32.01
C TRP A 28 -7.57 1.09 -32.95
N ALA A 29 -6.89 -0.04 -32.78
CA ALA A 29 -7.14 -1.22 -33.60
C ALA A 29 -8.51 -1.81 -33.27
N PHE A 30 -8.85 -1.82 -31.99
CA PHE A 30 -10.13 -2.36 -31.54
C PHE A 30 -11.30 -1.48 -31.99
N SER A 31 -11.08 -0.17 -31.99
CA SER A 31 -12.11 0.78 -32.41
C SER A 31 -12.36 0.61 -33.90
N THR A 32 -11.30 0.46 -34.67
CA THR A 32 -11.40 0.28 -36.11
C THR A 32 -12.15 -1.00 -36.44
N VAL A 33 -11.77 -2.10 -35.79
CA VAL A 33 -12.39 -3.39 -36.01
C VAL A 33 -13.89 -3.38 -35.69
N ALA A 34 -14.23 -2.79 -34.55
CA ALA A 34 -15.63 -2.70 -34.13
C ALA A 34 -16.46 -1.98 -35.20
N ALA A 35 -15.94 -0.88 -35.71
CA ALA A 35 -16.64 -0.11 -36.74
C ALA A 35 -16.82 -0.93 -38.02
N VAL A 36 -15.77 -1.64 -38.41
CA VAL A 36 -15.83 -2.45 -39.62
C VAL A 36 -16.80 -3.62 -39.44
N GLU A 37 -16.76 -4.25 -38.27
CA GLU A 37 -17.64 -5.37 -37.98
C GLU A 37 -19.09 -4.90 -38.08
N GLY A 38 -19.32 -3.67 -37.65
CA GLY A 38 -20.66 -3.11 -37.70
C GLY A 38 -21.18 -2.84 -39.10
N ILE A 39 -20.40 -2.13 -39.91
CA ILE A 39 -20.83 -1.81 -41.27
C ILE A 39 -20.99 -3.06 -42.14
N ASN A 40 -20.16 -4.08 -41.90
CA ASN A 40 -20.25 -5.30 -42.69
C ASN A 40 -21.58 -6.00 -42.41
N GLN A 41 -21.96 -6.10 -41.14
CA GLN A 41 -23.21 -6.74 -40.76
C GLN A 41 -24.40 -5.95 -41.29
N ILE A 42 -24.31 -4.63 -41.22
CA ILE A 42 -25.39 -3.77 -41.69
C ILE A 42 -25.59 -3.93 -43.20
N VAL A 43 -24.49 -4.10 -43.92
CA VAL A 43 -24.54 -4.25 -45.37
C VAL A 43 -24.74 -5.67 -45.87
N THR A 44 -24.12 -6.65 -45.21
CA THR A 44 -24.25 -8.03 -45.64
C THR A 44 -25.13 -8.91 -44.75
N GLY A 45 -25.31 -8.50 -43.50
CA GLY A 45 -26.12 -9.28 -42.59
C GLY A 45 -25.30 -10.27 -41.79
N ASP A 46 -24.06 -10.48 -42.21
CA ASP A 46 -23.16 -11.41 -41.52
C ASP A 46 -22.32 -10.69 -40.49
N LEU A 47 -22.42 -11.11 -39.23
CA LEU A 47 -21.64 -10.51 -38.16
C LEU A 47 -20.41 -11.36 -37.91
N ILE A 48 -19.26 -10.86 -38.35
CA ILE A 48 -18.00 -11.57 -38.20
C ILE A 48 -17.03 -10.80 -37.31
N SER A 49 -16.39 -11.50 -36.38
CA SER A 49 -15.43 -10.88 -35.49
C SER A 49 -14.13 -10.76 -36.29
N LEU A 50 -13.58 -9.56 -36.36
CA LEU A 50 -12.37 -9.34 -37.14
C LEU A 50 -11.07 -9.24 -36.32
N SER A 51 -9.94 -9.30 -37.01
CA SER A 51 -8.62 -9.27 -36.38
C SER A 51 -8.02 -7.90 -36.07
N GLU A 52 -7.75 -7.66 -34.79
CA GLU A 52 -7.15 -6.40 -34.36
C GLU A 52 -5.64 -6.56 -34.50
N GLN A 53 -5.17 -7.78 -34.31
CA GLN A 53 -3.75 -8.10 -34.40
C GLN A 53 -3.21 -7.80 -35.79
N GLN A 54 -3.96 -8.16 -36.83
CA GLN A 54 -3.51 -7.89 -38.20
C GLN A 54 -3.27 -6.40 -38.34
N LEU A 55 -4.18 -5.59 -37.80
CA LEU A 55 -4.06 -4.14 -37.88
C LEU A 55 -2.84 -3.67 -37.11
N VAL A 56 -2.64 -4.25 -35.92
CA VAL A 56 -1.50 -3.91 -35.08
C VAL A 56 -0.19 -4.23 -35.77
N ASP A 57 -0.12 -5.40 -36.40
CA ASP A 57 1.09 -5.83 -37.10
C ASP A 57 1.29 -5.17 -38.45
N CYS A 58 0.20 -4.87 -39.15
CA CYS A 58 0.30 -4.31 -40.49
C CYS A 58 0.10 -2.82 -40.76
N THR A 59 -0.49 -2.08 -39.82
CA THR A 59 -0.68 -0.65 -40.06
C THR A 59 0.66 0.05 -39.84
N THR A 60 1.47 0.07 -40.89
CA THR A 60 2.81 0.67 -40.85
C THR A 60 2.90 2.12 -40.37
N ALA A 61 1.85 2.90 -40.56
CA ALA A 61 1.86 4.30 -40.13
C ALA A 61 1.60 4.42 -38.63
N ASN A 62 1.08 3.36 -38.03
CA ASN A 62 0.79 3.36 -36.60
C ASN A 62 1.95 2.73 -35.84
N HIS A 63 1.85 2.70 -34.51
CA HIS A 63 2.92 2.15 -33.69
C HIS A 63 2.53 0.91 -32.88
N GLY A 64 1.72 0.05 -33.48
CA GLY A 64 1.30 -1.17 -32.81
C GLY A 64 0.80 -0.98 -31.39
N CYS A 65 1.41 -1.69 -30.45
CA CYS A 65 1.02 -1.61 -29.05
C CYS A 65 1.42 -0.30 -28.40
N ARG A 66 2.05 0.59 -29.18
CA ARG A 66 2.46 1.87 -28.62
C ARG A 66 1.58 3.02 -29.10
N GLY A 67 0.43 2.68 -29.69
CA GLY A 67 -0.49 3.71 -30.15
C GLY A 67 -0.68 3.83 -31.65
N GLY A 68 -1.69 4.60 -32.03
CA GLY A 68 -1.98 4.82 -33.44
C GLY A 68 -3.35 5.42 -33.64
N TRP A 69 -3.70 5.73 -34.88
CA TRP A 69 -5.01 6.31 -35.20
C TRP A 69 -5.84 5.30 -35.97
N MET A 70 -7.15 5.51 -35.98
CA MET A 70 -8.07 4.62 -36.68
C MET A 70 -8.04 4.72 -38.19
N ASN A 71 -7.99 5.95 -38.71
CA ASN A 71 -7.97 6.17 -40.15
C ASN A 71 -6.86 5.42 -40.87
N PRO A 72 -5.63 5.45 -40.34
CA PRO A 72 -4.54 4.73 -41.01
C PRO A 72 -4.87 3.23 -41.06
N ALA A 73 -5.60 2.76 -40.04
CA ALA A 73 -6.01 1.36 -39.96
C ALA A 73 -7.06 1.08 -41.04
N PHE A 74 -8.01 2.01 -41.18
CA PHE A 74 -9.05 1.87 -42.19
C PHE A 74 -8.38 1.79 -43.56
N GLN A 75 -7.36 2.63 -43.73
CA GLN A 75 -6.60 2.68 -44.99
C GLN A 75 -5.93 1.35 -45.30
N PHE A 76 -5.38 0.70 -44.28
CA PHE A 76 -4.73 -0.59 -44.48
C PHE A 76 -5.73 -1.60 -45.00
N ILE A 77 -6.88 -1.68 -44.35
CA ILE A 77 -7.94 -2.60 -44.74
C ILE A 77 -8.29 -2.37 -46.20
N VAL A 78 -8.33 -1.10 -46.61
CA VAL A 78 -8.64 -0.75 -47.99
C VAL A 78 -7.51 -1.24 -48.89
N ASN A 79 -6.28 -0.94 -48.49
CA ASN A 79 -5.10 -1.33 -49.25
C ASN A 79 -4.96 -2.85 -49.35
N ASN A 80 -5.24 -3.54 -48.25
CA ASN A 80 -5.13 -4.99 -48.19
C ASN A 80 -6.29 -5.71 -48.87
N GLY A 81 -7.33 -4.97 -49.25
CA GLY A 81 -8.47 -5.58 -49.89
C GLY A 81 -9.34 -6.30 -48.88
N GLY A 82 -9.16 -5.97 -47.60
CA GLY A 82 -9.95 -6.60 -46.56
C GLY A 82 -9.18 -6.87 -45.29
N ILE A 83 -9.87 -7.42 -44.31
CA ILE A 83 -9.27 -7.73 -43.02
C ILE A 83 -9.57 -9.18 -42.64
N ASN A 84 -8.61 -9.83 -42.01
CA ASN A 84 -8.77 -11.22 -41.59
C ASN A 84 -9.78 -11.33 -40.46
N SER A 85 -10.24 -12.55 -40.22
CA SER A 85 -11.19 -12.80 -39.15
C SER A 85 -10.40 -12.91 -37.87
N GLU A 86 -11.06 -12.72 -36.74
CA GLU A 86 -10.42 -12.81 -35.44
C GLU A 86 -9.79 -14.19 -35.24
N GLU A 87 -10.46 -15.22 -35.75
CA GLU A 87 -9.98 -16.59 -35.60
C GLU A 87 -8.71 -16.96 -36.38
N THR A 88 -8.60 -16.50 -37.62
CA THR A 88 -7.43 -16.81 -38.44
C THR A 88 -6.20 -15.99 -38.11
N TYR A 89 -6.41 -14.85 -37.48
CA TYR A 89 -5.33 -13.95 -37.07
C TYR A 89 -5.67 -13.48 -35.66
N PRO A 90 -5.57 -14.39 -34.67
CA PRO A 90 -5.87 -14.11 -33.26
C PRO A 90 -5.05 -13.00 -32.61
N TYR A 91 -5.62 -12.42 -31.55
CA TYR A 91 -4.99 -11.33 -30.82
C TYR A 91 -3.92 -11.87 -29.87
N ARG A 92 -2.73 -11.27 -29.94
CA ARG A 92 -1.62 -11.67 -29.09
C ARG A 92 -1.34 -10.60 -28.04
N GLY A 93 -1.78 -9.37 -28.31
CA GLY A 93 -1.55 -8.30 -27.36
C GLY A 93 -0.12 -7.80 -27.35
N GLN A 94 0.57 -7.93 -28.48
CA GLN A 94 1.95 -7.47 -28.59
C GLN A 94 2.34 -7.30 -30.04
N ASP A 95 3.29 -6.40 -30.29
CA ASP A 95 3.75 -6.14 -31.64
C ASP A 95 4.25 -7.43 -32.29
N GLY A 96 4.07 -7.54 -33.60
CA GLY A 96 4.50 -8.72 -34.32
C GLY A 96 4.72 -8.40 -35.78
N ILE A 97 5.25 -9.35 -36.54
CA ILE A 97 5.50 -9.14 -37.96
C ILE A 97 4.19 -9.32 -38.73
N CYS A 98 3.93 -8.40 -39.66
CA CYS A 98 2.73 -8.48 -40.48
C CYS A 98 2.82 -9.78 -41.27
N ASN A 99 2.10 -10.80 -40.81
CA ASN A 99 2.11 -12.10 -41.47
C ASN A 99 1.33 -12.16 -42.77
N SER A 100 2.04 -12.19 -43.89
CA SER A 100 1.41 -12.26 -45.20
C SER A 100 1.00 -13.68 -45.53
N THR A 101 1.62 -14.64 -44.84
CA THR A 101 1.33 -16.06 -45.06
C THR A 101 -0.08 -16.42 -44.60
N VAL A 102 -0.57 -15.72 -43.59
CA VAL A 102 -1.90 -15.98 -43.04
C VAL A 102 -2.95 -15.02 -43.59
N ASN A 103 -2.52 -14.06 -44.41
CA ASN A 103 -3.45 -13.10 -44.97
C ASN A 103 -4.59 -13.77 -45.73
N ALA A 104 -5.81 -13.47 -45.31
CA ALA A 104 -7.00 -14.02 -45.95
C ALA A 104 -8.21 -13.18 -45.53
N PRO A 105 -8.34 -11.97 -46.12
CA PRO A 105 -9.44 -11.07 -45.80
C PRO A 105 -10.82 -11.69 -45.99
N VAL A 106 -11.69 -11.51 -44.99
CA VAL A 106 -13.04 -12.03 -45.05
C VAL A 106 -14.02 -10.86 -45.14
N VAL A 107 -13.58 -9.69 -44.67
CA VAL A 107 -14.40 -8.49 -44.70
C VAL A 107 -13.62 -7.33 -45.32
N SER A 108 -14.24 -6.66 -46.28
CA SER A 108 -13.60 -5.55 -46.96
C SER A 108 -14.46 -4.30 -46.92
N ILE A 109 -13.82 -3.15 -47.11
CA ILE A 109 -14.51 -1.86 -47.12
C ILE A 109 -14.02 -1.08 -48.33
N ASP A 110 -14.83 -0.13 -48.79
CA ASP A 110 -14.47 0.66 -49.96
C ASP A 110 -13.74 1.94 -49.60
N SER A 111 -14.08 2.52 -48.46
CA SER A 111 -13.46 3.76 -48.01
C SER A 111 -13.80 4.03 -46.54
N TYR A 112 -13.55 5.27 -46.12
CA TYR A 112 -13.84 5.67 -44.75
C TYR A 112 -13.99 7.19 -44.75
N GLU A 113 -14.80 7.70 -43.83
CA GLU A 113 -15.01 9.14 -43.76
C GLU A 113 -14.98 9.68 -42.34
N ASN A 114 -14.65 10.97 -42.24
CA ASN A 114 -14.58 11.66 -40.96
C ASN A 114 -15.93 12.32 -40.73
N VAL A 115 -16.35 12.36 -39.47
CA VAL A 115 -17.62 13.00 -39.13
C VAL A 115 -17.32 14.47 -38.82
N PRO A 116 -18.12 15.40 -39.38
CA PRO A 116 -17.85 16.82 -39.10
C PRO A 116 -17.75 17.00 -37.59
N SER A 117 -16.59 17.46 -37.11
CA SER A 117 -16.35 17.63 -35.68
C SER A 117 -17.12 18.74 -34.99
N HIS A 118 -16.97 18.79 -33.66
CA HIS A 118 -17.61 19.78 -32.82
C HIS A 118 -19.11 19.91 -33.07
N ASN A 119 -19.78 18.78 -33.29
CA ASN A 119 -21.22 18.78 -33.53
C ASN A 119 -21.81 17.43 -33.15
N GLU A 120 -22.42 17.37 -31.98
CA GLU A 120 -23.04 16.14 -31.50
C GLU A 120 -24.19 15.70 -32.39
N GLN A 121 -24.80 16.66 -33.08
CA GLN A 121 -25.91 16.36 -33.99
C GLN A 121 -25.36 15.59 -35.19
N SER A 122 -24.20 16.01 -35.66
CA SER A 122 -23.55 15.35 -36.80
C SER A 122 -23.16 13.94 -36.41
N LEU A 123 -22.58 13.80 -35.22
CA LEU A 123 -22.16 12.50 -34.73
C LEU A 123 -23.37 11.59 -34.58
N GLN A 124 -24.49 12.15 -34.11
CA GLN A 124 -25.72 11.38 -33.93
C GLN A 124 -26.22 10.86 -35.26
N LYS A 125 -26.14 11.69 -36.29
CA LYS A 125 -26.59 11.31 -37.63
C LYS A 125 -25.75 10.13 -38.13
N ALA A 126 -24.45 10.17 -37.85
CA ALA A 126 -23.54 9.12 -38.26
C ALA A 126 -23.80 7.82 -37.51
N VAL A 127 -24.00 7.93 -36.20
CA VAL A 127 -24.26 6.77 -35.35
C VAL A 127 -25.60 6.11 -35.72
N ALA A 128 -26.55 6.92 -36.18
CA ALA A 128 -27.86 6.42 -36.56
C ALA A 128 -27.77 5.52 -37.79
N ASN A 129 -26.66 5.61 -38.51
CA ASN A 129 -26.44 4.81 -39.71
C ASN A 129 -25.50 3.63 -39.47
N GLN A 130 -24.60 3.76 -38.49
CA GLN A 130 -23.63 2.71 -38.20
C GLN A 130 -22.76 3.06 -37.01
N PRO A 131 -22.12 2.05 -36.40
CA PRO A 131 -21.26 2.33 -35.24
C PRO A 131 -20.13 3.27 -35.71
N VAL A 132 -19.72 4.20 -34.85
CA VAL A 132 -18.68 5.15 -35.23
C VAL A 132 -17.45 5.10 -34.33
N SER A 133 -16.27 5.11 -34.97
CA SER A 133 -15.02 5.10 -34.24
C SER A 133 -14.76 6.52 -33.73
N VAL A 134 -14.38 6.62 -32.46
CA VAL A 134 -14.13 7.93 -31.86
C VAL A 134 -12.98 7.89 -30.86
N THR A 135 -12.46 9.08 -30.54
CA THR A 135 -11.39 9.22 -29.56
C THR A 135 -11.98 9.99 -28.40
N MET A 136 -11.58 9.62 -27.19
CA MET A 136 -12.08 10.28 -25.99
C MET A 136 -10.94 10.39 -24.99
N ASP A 137 -11.11 11.27 -24.02
CA ASP A 137 -10.10 11.45 -22.99
C ASP A 137 -10.44 10.47 -21.87
N ALA A 138 -9.68 9.38 -21.80
CA ALA A 138 -9.91 8.35 -20.78
C ALA A 138 -8.74 8.25 -19.80
N ALA A 139 -7.99 9.33 -19.66
CA ALA A 139 -6.85 9.35 -18.76
C ALA A 139 -7.23 9.68 -17.32
N GLY A 140 -8.42 10.23 -17.14
CA GLY A 140 -8.87 10.61 -15.81
C GLY A 140 -9.45 9.47 -14.99
N ARG A 141 -9.41 9.65 -13.67
CA ARG A 141 -9.92 8.65 -12.72
C ARG A 141 -11.42 8.41 -12.86
N ASP A 142 -12.18 9.49 -13.05
CA ASP A 142 -13.63 9.38 -13.19
C ASP A 142 -13.99 8.40 -14.31
N PHE A 143 -13.40 8.61 -15.48
CA PHE A 143 -13.66 7.75 -16.63
C PHE A 143 -13.24 6.30 -16.37
N GLN A 144 -11.99 6.12 -15.96
CA GLN A 144 -11.44 4.79 -15.70
C GLN A 144 -12.12 4.04 -14.57
N LEU A 145 -12.64 4.76 -13.60
CA LEU A 145 -13.30 4.11 -12.48
C LEU A 145 -14.81 4.03 -12.66
N TYR A 146 -15.28 4.38 -13.86
CA TYR A 146 -16.70 4.34 -14.19
C TYR A 146 -17.23 2.91 -14.07
N ARG A 147 -18.39 2.76 -13.45
CA ARG A 147 -19.00 1.45 -13.26
C ARG A 147 -20.35 1.31 -13.96
N SER A 148 -21.25 2.28 -13.74
CA SER A 148 -22.57 2.22 -14.36
C SER A 148 -23.27 3.58 -14.42
N GLY A 149 -24.37 3.63 -15.14
CA GLY A 149 -25.14 4.86 -15.27
C GLY A 149 -24.61 5.73 -16.39
N ILE A 150 -25.13 6.96 -16.48
CA ILE A 150 -24.69 7.89 -17.50
C ILE A 150 -23.49 8.65 -16.96
N PHE A 151 -22.35 8.54 -17.64
CA PHE A 151 -21.14 9.22 -17.21
C PHE A 151 -21.25 10.74 -17.33
N THR A 152 -21.15 11.41 -16.20
CA THR A 152 -21.22 12.87 -16.16
C THR A 152 -20.00 13.35 -15.39
N GLY A 153 -19.06 12.43 -15.18
CA GLY A 153 -17.85 12.75 -14.45
C GLY A 153 -16.93 13.76 -15.10
N SER A 154 -15.81 14.04 -14.42
CA SER A 154 -14.83 14.99 -14.88
C SER A 154 -13.83 14.38 -15.88
N CYS A 155 -13.63 15.07 -17.00
CA CYS A 155 -12.70 14.61 -18.03
C CYS A 155 -12.43 15.73 -19.02
N ASN A 156 -11.25 15.73 -19.64
CA ASN A 156 -10.92 16.76 -20.63
C ASN A 156 -11.23 16.25 -22.03
N ILE A 157 -10.64 16.86 -23.04
CA ILE A 157 -10.92 16.47 -24.43
C ILE A 157 -9.76 15.86 -25.21
N SER A 158 -8.65 15.59 -24.54
CA SER A 158 -7.49 15.00 -25.22
C SER A 158 -7.86 13.66 -25.86
N ALA A 159 -7.40 13.44 -27.08
CA ALA A 159 -7.67 12.20 -27.79
C ALA A 159 -6.59 11.17 -27.45
N ASN A 160 -6.72 10.55 -26.28
CA ASN A 160 -5.74 9.58 -25.83
C ASN A 160 -6.30 8.15 -25.77
N HIS A 161 -7.54 7.99 -26.22
CA HIS A 161 -8.17 6.67 -26.21
C HIS A 161 -9.17 6.55 -27.35
N ALA A 162 -9.19 5.38 -28.00
CA ALA A 162 -10.09 5.14 -29.11
C ALA A 162 -11.20 4.16 -28.72
N LEU A 163 -12.43 4.49 -29.08
CA LEU A 163 -13.58 3.65 -28.77
C LEU A 163 -14.54 3.61 -29.96
N THR A 164 -15.66 2.91 -29.78
CA THR A 164 -16.65 2.82 -30.84
C THR A 164 -18.06 3.06 -30.31
N VAL A 165 -18.69 4.13 -30.80
CA VAL A 165 -20.05 4.45 -30.39
C VAL A 165 -20.97 3.51 -31.14
N VAL A 166 -21.72 2.70 -30.38
CA VAL A 166 -22.63 1.73 -30.99
C VAL A 166 -24.10 2.12 -30.87
N GLY A 167 -24.36 3.35 -30.42
CA GLY A 167 -25.73 3.80 -30.28
C GLY A 167 -25.90 4.99 -29.36
N TYR A 168 -27.16 5.33 -29.07
CA TYR A 168 -27.47 6.44 -28.19
C TYR A 168 -28.93 6.37 -27.73
N GLY A 169 -29.23 7.05 -26.62
CA GLY A 169 -30.58 7.05 -26.10
C GLY A 169 -30.78 8.08 -25.00
N THR A 170 -31.83 7.89 -24.21
CA THR A 170 -32.13 8.81 -23.12
C THR A 170 -32.61 8.08 -21.87
N GLU A 171 -32.28 8.63 -20.72
CA GLU A 171 -32.68 8.05 -19.44
C GLU A 171 -32.69 9.14 -18.38
N ASN A 172 -33.77 9.18 -17.59
CA ASN A 172 -33.91 10.19 -16.54
C ASN A 172 -33.72 11.58 -17.11
N ASP A 173 -34.32 11.80 -18.29
CA ASP A 173 -34.26 13.08 -19.00
C ASP A 173 -32.84 13.49 -19.38
N LYS A 174 -31.93 12.52 -19.46
CA LYS A 174 -30.56 12.80 -19.84
C LYS A 174 -30.15 11.94 -21.02
N ASP A 175 -29.65 12.59 -22.07
CA ASP A 175 -29.22 11.88 -23.28
C ASP A 175 -27.84 11.28 -23.05
N PHE A 176 -27.55 10.20 -23.79
CA PHE A 176 -26.27 9.53 -23.65
C PHE A 176 -25.83 8.81 -24.91
N TRP A 177 -24.54 8.47 -24.96
CA TRP A 177 -23.96 7.74 -26.07
C TRP A 177 -23.63 6.35 -25.53
N ILE A 178 -23.85 5.32 -26.34
CA ILE A 178 -23.52 3.97 -25.92
C ILE A 178 -22.16 3.68 -26.56
N VAL A 179 -21.11 3.72 -25.75
CA VAL A 179 -19.76 3.52 -26.25
C VAL A 179 -19.13 2.19 -25.84
N LYS A 180 -18.65 1.46 -26.85
CA LYS A 180 -18.01 0.17 -26.61
C LYS A 180 -16.53 0.37 -26.35
N ASN A 181 -16.06 -0.11 -25.20
CA ASN A 181 -14.65 0.01 -24.83
C ASN A 181 -14.00 -1.36 -25.02
N SER A 182 -12.67 -1.39 -25.02
CA SER A 182 -11.95 -2.64 -25.20
C SER A 182 -11.10 -2.99 -23.98
N TRP A 183 -11.70 -2.86 -22.80
CA TRP A 183 -11.00 -3.17 -21.55
C TRP A 183 -11.62 -4.39 -20.88
N GLY A 184 -12.33 -5.20 -21.67
CA GLY A 184 -12.96 -6.39 -21.13
C GLY A 184 -14.38 -6.14 -20.67
N LYS A 185 -15.09 -7.21 -20.35
CA LYS A 185 -16.47 -7.13 -19.89
C LYS A 185 -16.59 -6.70 -18.43
N ASN A 186 -15.49 -6.79 -17.70
CA ASN A 186 -15.48 -6.42 -16.28
C ASN A 186 -15.45 -4.91 -16.03
N TRP A 187 -15.23 -4.13 -17.09
CA TRP A 187 -15.17 -2.69 -16.96
C TRP A 187 -16.49 -2.02 -17.33
N GLY A 188 -16.86 -0.98 -16.59
CA GLY A 188 -18.09 -0.27 -16.85
C GLY A 188 -19.30 -1.17 -16.91
N GLU A 189 -20.25 -0.84 -17.78
CA GLU A 189 -21.46 -1.63 -17.93
C GLU A 189 -21.21 -2.78 -18.91
N SER A 190 -20.60 -3.85 -18.41
CA SER A 190 -20.29 -5.02 -19.21
C SER A 190 -19.40 -4.65 -20.39
N GLY A 191 -18.44 -3.75 -20.14
CA GLY A 191 -17.53 -3.34 -21.19
C GLY A 191 -17.93 -2.06 -21.89
N TYR A 192 -19.11 -1.52 -21.55
CA TYR A 192 -19.60 -0.30 -22.18
C TYR A 192 -19.71 0.85 -21.20
N ILE A 193 -19.73 2.06 -21.75
CA ILE A 193 -19.85 3.28 -20.96
C ILE A 193 -20.87 4.19 -21.64
N ARG A 194 -21.89 4.61 -20.91
CA ARG A 194 -22.90 5.50 -21.45
C ARG A 194 -22.52 6.92 -21.06
N ALA A 195 -21.83 7.61 -21.96
CA ALA A 195 -21.41 8.99 -21.70
C ALA A 195 -22.54 9.95 -22.02
N GLU A 196 -22.67 11.01 -21.23
CA GLU A 196 -23.71 11.99 -21.43
C GLU A 196 -23.64 12.56 -22.85
N ARG A 197 -24.80 12.76 -23.46
CA ARG A 197 -24.88 13.29 -24.81
C ARG A 197 -25.57 14.66 -24.80
N ASN A 198 -25.27 15.47 -25.81
CA ASN A 198 -25.85 16.80 -25.94
C ASN A 198 -25.49 17.70 -24.75
N ILE A 199 -24.19 17.81 -24.48
CA ILE A 199 -23.72 18.63 -23.38
C ILE A 199 -23.41 20.05 -23.86
N GLU A 200 -22.95 20.91 -22.95
CA GLU A 200 -22.63 22.29 -23.29
C GLU A 200 -21.47 22.45 -24.26
N ASN A 201 -20.33 21.85 -23.94
CA ASN A 201 -19.14 21.94 -24.78
C ASN A 201 -19.30 21.29 -26.15
N PRO A 202 -18.99 22.03 -27.22
CA PRO A 202 -19.09 21.55 -28.60
C PRO A 202 -18.22 20.32 -28.88
N ASP A 203 -17.24 20.09 -28.04
CA ASP A 203 -16.33 18.95 -28.20
C ASP A 203 -16.97 17.65 -27.73
N GLY A 204 -18.14 17.77 -27.10
CA GLY A 204 -18.82 16.58 -26.60
C GLY A 204 -18.15 16.07 -25.34
N LYS A 205 -18.76 15.06 -24.72
CA LYS A 205 -18.21 14.49 -23.49
C LYS A 205 -16.83 13.88 -23.71
N CYS A 206 -15.85 14.36 -22.95
CA CYS A 206 -14.48 13.88 -23.05
C CYS A 206 -13.93 14.00 -24.46
N GLY A 207 -14.43 14.99 -25.21
CA GLY A 207 -13.98 15.22 -26.57
C GLY A 207 -14.37 14.15 -27.58
N ILE A 208 -15.56 13.57 -27.40
CA ILE A 208 -16.05 12.51 -28.28
C ILE A 208 -16.31 12.93 -29.74
N THR A 209 -16.53 14.22 -29.96
CA THR A 209 -16.79 14.72 -31.31
C THR A 209 -15.56 15.24 -32.05
N ARG A 210 -14.40 15.12 -31.41
CA ARG A 210 -13.15 15.62 -32.00
C ARG A 210 -12.60 14.86 -33.20
N PHE A 211 -12.41 13.54 -33.05
CA PHE A 211 -11.87 12.74 -34.14
C PHE A 211 -12.68 11.49 -34.44
N ALA A 212 -13.91 11.69 -34.90
CA ALA A 212 -14.79 10.57 -35.23
C ALA A 212 -14.79 10.29 -36.74
N SER A 213 -14.74 9.00 -37.08
CA SER A 213 -14.74 8.57 -38.47
C SER A 213 -15.40 7.20 -38.54
N TYR A 214 -15.76 6.79 -39.75
CA TYR A 214 -16.41 5.49 -39.94
C TYR A 214 -16.05 4.89 -41.29
N PRO A 215 -16.11 3.55 -41.38
CA PRO A 215 -15.78 2.87 -42.65
C PRO A 215 -16.95 2.93 -43.62
N VAL A 216 -16.63 2.96 -44.92
CA VAL A 216 -17.66 3.01 -45.95
C VAL A 216 -17.62 1.72 -46.76
N LYS A 217 -18.77 1.06 -46.86
CA LYS A 217 -18.89 -0.18 -47.61
C LYS A 217 -20.14 -0.12 -48.49
N LYS A 218 -19.93 -0.12 -49.80
CA LYS A 218 -21.05 -0.07 -50.75
C LYS A 218 -21.73 -1.44 -50.85
N LEU B 3 8.42 -6.59 50.66
CA LEU B 3 8.52 -5.93 49.33
C LEU B 3 7.45 -4.85 49.16
N PRO B 4 7.83 -3.68 48.62
CA PRO B 4 6.83 -2.62 48.44
C PRO B 4 5.73 -3.08 47.47
N ASP B 5 4.54 -2.52 47.64
CA ASP B 5 3.42 -2.88 46.77
C ASP B 5 3.68 -2.37 45.37
N SER B 6 4.44 -1.28 45.28
CA SER B 6 4.77 -0.68 43.99
C SER B 6 6.05 0.13 44.11
N ILE B 7 6.71 0.35 42.99
CA ILE B 7 7.95 1.11 42.97
C ILE B 7 8.20 1.70 41.59
N ASP B 8 8.73 2.91 41.54
CA ASP B 8 9.03 3.58 40.29
C ASP B 8 10.35 4.32 40.41
N TRP B 9 11.41 3.71 39.89
CA TRP B 9 12.74 4.30 39.96
C TRP B 9 12.83 5.61 39.20
N ARG B 10 11.88 5.87 38.31
CA ARG B 10 11.87 7.10 37.55
C ARG B 10 11.53 8.22 38.53
N GLU B 11 10.56 7.95 39.40
CA GLU B 11 10.13 8.93 40.39
C GLU B 11 11.21 9.12 41.43
N ASN B 12 11.99 8.06 41.67
CA ASN B 12 13.08 8.11 42.64
C ASN B 12 14.31 8.80 42.05
N GLY B 13 14.20 9.23 40.80
CA GLY B 13 15.28 9.93 40.14
C GLY B 13 16.48 9.09 39.70
N ALA B 14 16.25 7.80 39.44
CA ALA B 14 17.34 6.92 39.02
C ALA B 14 17.27 6.53 37.55
N VAL B 15 16.46 7.24 36.77
CA VAL B 15 16.31 6.93 35.35
C VAL B 15 16.44 8.16 34.46
N VAL B 16 17.29 8.07 33.43
CA VAL B 16 17.47 9.18 32.50
C VAL B 16 16.42 9.04 31.40
N PRO B 17 16.11 10.15 30.71
CA PRO B 17 15.11 10.12 29.62
C PRO B 17 15.28 8.96 28.65
N VAL B 18 14.18 8.55 28.03
CA VAL B 18 14.18 7.45 27.08
C VAL B 18 15.06 7.78 25.88
N LYS B 19 15.84 6.79 25.44
CA LYS B 19 16.72 6.97 24.29
C LYS B 19 16.23 6.16 23.09
N ASN B 20 16.89 6.33 21.95
CA ASN B 20 16.51 5.62 20.74
C ASN B 20 17.72 4.95 20.10
N GLN B 21 17.69 3.61 20.03
CA GLN B 21 18.78 2.84 19.47
C GLN B 21 18.85 2.99 17.94
N GLY B 22 17.78 3.51 17.35
CA GLY B 22 17.75 3.69 15.92
C GLY B 22 17.76 2.38 15.15
N GLY B 23 18.36 2.40 13.96
CA GLY B 23 18.42 1.20 13.14
C GLY B 23 19.57 0.28 13.50
N CYS B 24 20.05 0.36 14.74
CA CYS B 24 21.16 -0.47 15.19
C CYS B 24 20.66 -1.48 16.22
N GLY B 25 21.02 -2.75 16.03
CA GLY B 25 20.59 -3.78 16.96
C GLY B 25 21.43 -3.77 18.22
N SER B 26 21.32 -2.70 18.99
CA SER B 26 22.07 -2.56 20.22
C SER B 26 21.20 -2.46 21.46
N CYS B 27 20.01 -3.04 21.42
CA CYS B 27 19.09 -3.00 22.56
C CYS B 27 19.80 -3.49 23.82
N TRP B 28 20.64 -4.51 23.67
CA TRP B 28 21.38 -5.07 24.80
C TRP B 28 22.26 -4.02 25.47
N ALA B 29 22.85 -3.14 24.66
CA ALA B 29 23.71 -2.08 25.17
C ALA B 29 22.89 -1.05 25.95
N PHE B 30 21.71 -0.73 25.43
CA PHE B 30 20.83 0.23 26.08
C PHE B 30 20.28 -0.31 27.40
N SER B 31 19.99 -1.61 27.43
CA SER B 31 19.48 -2.24 28.64
C SER B 31 20.56 -2.23 29.72
N THR B 32 21.79 -2.53 29.32
CA THR B 32 22.92 -2.56 30.24
C THR B 32 23.17 -1.17 30.82
N VAL B 33 23.19 -0.16 29.96
CA VAL B 33 23.42 1.22 30.37
C VAL B 33 22.36 1.71 31.35
N ALA B 34 21.10 1.44 31.03
CA ALA B 34 19.99 1.85 31.89
C ALA B 34 20.16 1.28 33.29
N ALA B 35 20.51 -0.01 33.37
CA ALA B 35 20.69 -0.67 34.66
C ALA B 35 21.85 -0.04 35.44
N VAL B 36 22.95 0.24 34.75
CA VAL B 36 24.11 0.84 35.39
C VAL B 36 23.81 2.26 35.85
N GLU B 37 23.10 3.02 35.02
CA GLU B 37 22.74 4.39 35.35
C GLU B 37 21.90 4.38 36.62
N GLY B 38 21.05 3.36 36.75
CA GLY B 38 20.19 3.23 37.91
C GLY B 38 20.93 2.93 39.20
N ILE B 39 21.78 1.91 39.19
CA ILE B 39 22.52 1.53 40.39
C ILE B 39 23.48 2.62 40.84
N ASN B 40 24.06 3.34 39.90
CA ASN B 40 24.99 4.41 40.24
C ASN B 40 24.28 5.52 41.00
N GLN B 41 23.11 5.91 40.51
CA GLN B 41 22.34 6.97 41.17
C GLN B 41 21.87 6.51 42.54
N ILE B 42 21.45 5.26 42.64
CA ILE B 42 20.97 4.72 43.91
C ILE B 42 22.09 4.70 44.95
N VAL B 43 23.30 4.40 44.49
CA VAL B 43 24.46 4.32 45.38
C VAL B 43 25.18 5.66 45.62
N THR B 44 25.30 6.48 44.58
CA THR B 44 26.00 7.75 44.72
C THR B 44 25.09 8.98 44.73
N GLY B 45 23.89 8.85 44.18
CA GLY B 45 22.96 9.97 44.14
C GLY B 45 23.09 10.77 42.86
N ASP B 46 24.15 10.51 42.11
CA ASP B 46 24.38 11.22 40.85
C ASP B 46 23.80 10.44 39.69
N LEU B 47 22.90 11.07 38.94
CA LEU B 47 22.29 10.43 37.78
C LEU B 47 23.03 10.88 36.53
N ILE B 48 23.83 9.99 35.97
CA ILE B 48 24.61 10.29 34.78
C ILE B 48 24.21 9.40 33.61
N SER B 49 24.03 10.01 32.45
CA SER B 49 23.68 9.26 31.24
C SER B 49 24.97 8.63 30.73
N LEU B 50 24.95 7.32 30.53
CA LEU B 50 26.16 6.63 30.07
C LEU B 50 26.17 6.25 28.59
N SER B 51 27.34 5.86 28.12
CA SER B 51 27.55 5.51 26.72
C SER B 51 27.22 4.08 26.28
N GLU B 52 26.28 3.98 25.33
CA GLU B 52 25.88 2.68 24.80
C GLU B 52 26.85 2.34 23.68
N GLN B 53 27.33 3.37 23.00
CA GLN B 53 28.28 3.22 21.90
C GLN B 53 29.57 2.54 22.35
N GLN B 54 30.09 2.96 23.50
CA GLN B 54 31.30 2.36 24.02
C GLN B 54 31.11 0.86 24.17
N LEU B 55 29.94 0.47 24.69
CA LEU B 55 29.62 -0.95 24.87
C LEU B 55 29.53 -1.64 23.50
N VAL B 56 28.88 -0.98 22.55
CA VAL B 56 28.73 -1.52 21.21
C VAL B 56 30.09 -1.73 20.53
N ASP B 57 30.97 -0.75 20.68
CA ASP B 57 32.30 -0.83 20.08
C ASP B 57 33.27 -1.72 20.85
N CYS B 58 33.14 -1.78 22.16
CA CYS B 58 34.07 -2.53 22.99
C CYS B 58 33.72 -3.91 23.55
N THR B 59 32.45 -4.28 23.56
CA THR B 59 32.08 -5.59 24.08
C THR B 59 32.42 -6.64 23.02
N THR B 60 33.68 -7.07 23.03
CA THR B 60 34.19 -8.03 22.06
C THR B 60 33.43 -9.34 21.93
N ALA B 61 32.76 -9.78 22.98
CA ALA B 61 32.01 -11.03 22.93
C ALA B 61 30.65 -10.84 22.25
N ASN B 62 30.22 -9.59 22.12
CA ASN B 62 28.94 -9.29 21.49
C ASN B 62 29.18 -8.93 20.03
N HIS B 63 28.08 -8.67 19.29
CA HIS B 63 28.19 -8.36 17.87
C HIS B 63 27.73 -6.96 17.49
N GLY B 64 28.02 -5.98 18.35
CA GLY B 64 27.64 -4.61 18.07
C GLY B 64 26.19 -4.43 17.65
N CYS B 65 26.00 -3.79 16.50
CA CYS B 65 24.66 -3.54 15.98
C CYS B 65 23.98 -4.79 15.48
N ARG B 66 24.66 -5.93 15.60
CA ARG B 66 24.09 -7.20 15.16
C ARG B 66 23.60 -8.06 16.31
N GLY B 67 23.57 -7.48 17.52
CA GLY B 67 23.09 -8.22 18.67
C GLY B 67 24.12 -8.52 19.73
N GLY B 68 23.64 -9.00 20.88
CA GLY B 68 24.53 -9.32 21.98
C GLY B 68 23.75 -9.49 23.28
N TRP B 69 24.45 -9.86 24.34
CA TRP B 69 23.82 -10.05 25.63
C TRP B 69 24.28 -8.96 26.60
N MET B 70 23.52 -8.76 27.67
CA MET B 70 23.83 -7.73 28.67
C MET B 70 25.01 -8.09 29.58
N ASN B 71 25.06 -9.33 30.04
CA ASN B 71 26.14 -9.77 30.93
C ASN B 71 27.53 -9.51 30.37
N PRO B 72 27.77 -9.84 29.09
CA PRO B 72 29.10 -9.59 28.52
C PRO B 72 29.42 -8.09 28.58
N ALA B 73 28.38 -7.28 28.46
CA ALA B 73 28.52 -5.83 28.52
C ALA B 73 28.88 -5.41 29.95
N PHE B 74 28.19 -6.01 30.93
CA PHE B 74 28.46 -5.71 32.32
C PHE B 74 29.92 -6.05 32.61
N GLN B 75 30.36 -7.17 32.04
CA GLN B 75 31.73 -7.65 32.21
C GLN B 75 32.75 -6.66 31.66
N PHE B 76 32.44 -6.06 30.51
CA PHE B 76 33.35 -5.09 29.92
C PHE B 76 33.53 -3.91 30.85
N ILE B 77 32.41 -3.38 31.36
CA ILE B 77 32.43 -2.25 32.27
C ILE B 77 33.32 -2.58 33.46
N VAL B 78 33.23 -3.82 33.94
CA VAL B 78 34.03 -4.26 35.07
C VAL B 78 35.50 -4.30 34.64
N ASN B 79 35.76 -4.89 33.48
CA ASN B 79 37.12 -5.01 32.96
C ASN B 79 37.73 -3.64 32.66
N ASN B 80 36.93 -2.73 32.11
CA ASN B 80 37.38 -1.39 31.77
C ASN B 80 37.52 -0.47 32.97
N GLY B 81 37.01 -0.91 34.12
CA GLY B 81 37.09 -0.08 35.31
C GLY B 81 36.05 1.03 35.27
N GLY B 82 35.05 0.85 34.40
CA GLY B 82 34.01 1.86 34.29
C GLY B 82 33.50 2.05 32.88
N ILE B 83 32.53 2.95 32.75
CA ILE B 83 31.93 3.25 31.46
C ILE B 83 31.91 4.76 31.23
N ASN B 84 32.14 5.17 30.00
CA ASN B 84 32.16 6.59 29.65
C ASN B 84 30.76 7.17 29.75
N SER B 85 30.70 8.50 29.77
CA SER B 85 29.41 9.19 29.82
C SER B 85 28.88 9.25 28.41
N GLU B 86 27.57 9.45 28.29
CA GLU B 86 26.93 9.53 26.98
C GLU B 86 27.54 10.66 26.16
N GLU B 87 27.88 11.75 26.82
CA GLU B 87 28.44 12.91 26.15
C GLU B 87 29.85 12.75 25.56
N THR B 88 30.75 12.10 26.29
CA THR B 88 32.12 11.91 25.82
C THR B 88 32.27 10.80 24.77
N TYR B 89 31.31 9.89 24.74
CA TYR B 89 31.31 8.78 23.79
C TYR B 89 29.87 8.66 23.29
N PRO B 90 29.43 9.64 22.47
CA PRO B 90 28.08 9.67 21.91
C PRO B 90 27.66 8.48 21.05
N TYR B 91 26.36 8.28 20.96
CA TYR B 91 25.78 7.18 20.19
C TYR B 91 25.78 7.49 18.70
N ARG B 92 26.29 6.55 17.91
CA ARG B 92 26.35 6.73 16.47
C ARG B 92 25.36 5.79 15.78
N GLY B 93 24.96 4.73 16.48
CA GLY B 93 24.01 3.80 15.91
C GLY B 93 24.61 2.90 14.86
N GLN B 94 25.90 2.62 14.99
CA GLN B 94 26.60 1.77 14.03
C GLN B 94 27.90 1.26 14.63
N ASP B 95 28.34 0.08 14.18
CA ASP B 95 29.57 -0.51 14.67
C ASP B 95 30.73 0.45 14.48
N GLY B 96 31.70 0.39 15.38
CA GLY B 96 32.86 1.25 15.28
C GLY B 96 34.02 0.66 16.05
N ILE B 97 35.19 1.29 15.94
CA ILE B 97 36.37 0.79 16.62
C ILE B 97 36.33 1.23 18.08
N CYS B 98 36.64 0.32 18.99
CA CYS B 98 36.66 0.64 20.41
C CYS B 98 37.73 1.70 20.61
N ASN B 99 37.29 2.95 20.74
CA ASN B 99 38.21 4.07 20.92
C ASN B 99 38.82 4.17 22.31
N SER B 100 40.09 3.80 22.42
CA SER B 100 40.79 3.86 23.69
C SER B 100 41.28 5.27 23.99
N THR B 101 41.36 6.10 22.94
CA THR B 101 41.81 7.47 23.07
C THR B 101 40.80 8.32 23.83
N VAL B 102 39.53 7.97 23.72
CA VAL B 102 38.47 8.72 24.39
C VAL B 102 38.03 8.05 25.69
N ASN B 103 38.61 6.90 26.00
CA ASN B 103 38.25 6.19 27.22
C ASN B 103 38.44 7.05 28.46
N ALA B 104 37.37 7.21 29.23
CA ALA B 104 37.38 8.00 30.45
C ALA B 104 36.16 7.65 31.27
N PRO B 105 36.16 6.47 31.91
CA PRO B 105 35.04 6.00 32.73
C PRO B 105 34.64 6.98 33.83
N VAL B 106 33.33 7.24 33.93
CA VAL B 106 32.81 8.14 34.94
C VAL B 106 31.99 7.33 35.94
N VAL B 107 31.51 6.17 35.50
CA VAL B 107 30.72 5.29 36.36
C VAL B 107 31.27 3.86 36.30
N SER B 108 31.48 3.28 37.47
CA SER B 108 32.01 1.93 37.56
C SER B 108 31.13 1.02 38.42
N ILE B 109 31.28 -0.28 38.20
CA ILE B 109 30.53 -1.27 38.95
C ILE B 109 31.50 -2.34 39.43
N ASP B 110 31.14 -3.05 40.49
CA ASP B 110 32.01 -4.10 41.03
C ASP B 110 31.73 -5.48 40.45
N SER B 111 30.46 -5.73 40.12
CA SER B 111 30.07 -7.01 39.56
C SER B 111 28.66 -6.94 39.00
N TYR B 112 28.08 -8.10 38.74
CA TYR B 112 26.72 -8.20 38.22
C TYR B 112 26.17 -9.57 38.56
N GLU B 113 24.86 -9.66 38.73
CA GLU B 113 24.24 -10.93 39.09
C GLU B 113 22.99 -11.24 38.29
N ASN B 114 22.70 -12.52 38.18
CA ASN B 114 21.52 -13.00 37.47
C ASN B 114 20.40 -13.17 38.48
N VAL B 115 19.17 -12.88 38.08
CA VAL B 115 18.02 -13.04 38.95
C VAL B 115 17.51 -14.46 38.76
N PRO B 116 17.22 -15.18 39.87
CA PRO B 116 16.71 -16.55 39.72
C PRO B 116 15.53 -16.50 38.76
N SER B 117 15.64 -17.23 37.65
CA SER B 117 14.59 -17.24 36.62
C SER B 117 13.28 -17.93 36.99
N HIS B 118 12.33 -17.83 36.08
CA HIS B 118 11.01 -18.44 36.23
C HIS B 118 10.35 -18.14 37.57
N ASN B 119 10.52 -16.90 38.05
CA ASN B 119 9.93 -16.50 39.31
C ASN B 119 9.72 -14.98 39.35
N GLU B 120 8.49 -14.56 39.11
CA GLU B 120 8.15 -13.15 39.11
C GLU B 120 8.37 -12.51 40.48
N GLN B 121 8.30 -13.32 41.52
CA GLN B 121 8.49 -12.83 42.88
C GLN B 121 9.96 -12.47 43.06
N SER B 122 10.84 -13.29 42.50
CA SER B 122 12.28 -13.06 42.57
C SER B 122 12.62 -11.79 41.80
N LEU B 123 12.04 -11.65 40.61
CA LEU B 123 12.28 -10.48 39.78
C LEU B 123 11.79 -9.23 40.50
N GLN B 124 10.64 -9.34 41.18
CA GLN B 124 10.07 -8.22 41.90
C GLN B 124 11.01 -7.77 43.01
N LYS B 125 11.60 -8.75 43.71
CA LYS B 125 12.53 -8.46 44.79
C LYS B 125 13.73 -7.68 44.26
N ALA B 126 14.21 -8.08 43.08
CA ALA B 126 15.35 -7.42 42.45
C ALA B 126 15.00 -6.01 42.00
N VAL B 127 13.83 -5.85 41.38
CA VAL B 127 13.40 -4.55 40.90
C VAL B 127 13.16 -3.58 42.05
N ALA B 128 12.76 -4.12 43.20
CA ALA B 128 12.50 -3.31 44.38
C ALA B 128 13.79 -2.67 44.89
N ASN B 129 14.93 -3.22 44.47
CA ASN B 129 16.22 -2.71 44.90
C ASN B 129 16.90 -1.86 43.83
N GLN B 130 16.59 -2.11 42.56
CA GLN B 130 17.21 -1.38 41.47
C GLN B 130 16.63 -1.79 40.12
N PRO B 131 16.81 -0.95 39.09
CA PRO B 131 16.28 -1.30 37.77
C PRO B 131 16.96 -2.60 37.32
N VAL B 132 16.23 -3.47 36.64
CA VAL B 132 16.81 -4.74 36.19
C VAL B 132 16.79 -4.94 34.68
N SER B 133 17.91 -5.40 34.15
CA SER B 133 18.03 -5.68 32.71
C SER B 133 17.32 -7.00 32.44
N VAL B 134 16.51 -7.03 31.39
CA VAL B 134 15.77 -8.24 31.04
C VAL B 134 15.63 -8.42 29.53
N THR B 135 15.29 -9.63 29.12
CA THR B 135 15.06 -9.94 27.72
C THR B 135 13.58 -10.30 27.60
N MET B 136 12.97 -9.90 26.50
CA MET B 136 11.56 -10.18 26.28
C MET B 136 11.35 -10.48 24.80
N ASP B 137 10.23 -11.11 24.49
CA ASP B 137 9.91 -11.41 23.11
C ASP B 137 9.15 -10.23 22.54
N ALA B 138 9.84 -9.42 21.74
CA ALA B 138 9.23 -8.23 21.14
C ALA B 138 9.12 -8.34 19.62
N ALA B 139 9.09 -9.57 19.12
CA ALA B 139 9.01 -9.81 17.68
C ALA B 139 7.56 -9.78 17.17
N GLY B 140 6.61 -9.90 18.08
CA GLY B 140 5.21 -9.90 17.70
C GLY B 140 4.59 -8.54 17.47
N ARG B 141 3.52 -8.50 16.68
CA ARG B 141 2.84 -7.26 16.36
C ARG B 141 2.19 -6.61 17.57
N ASP B 142 1.60 -7.41 18.45
CA ASP B 142 0.96 -6.88 19.64
C ASP B 142 1.94 -6.03 20.45
N PHE B 143 3.11 -6.57 20.73
CA PHE B 143 4.13 -5.87 21.48
C PHE B 143 4.61 -4.60 20.77
N GLN B 144 5.01 -4.76 19.51
CA GLN B 144 5.52 -3.65 18.72
C GLN B 144 4.50 -2.54 18.46
N LEU B 145 3.23 -2.90 18.39
CA LEU B 145 2.18 -1.92 18.13
C LEU B 145 1.54 -1.41 19.41
N TYR B 146 2.12 -1.78 20.55
CA TYR B 146 1.62 -1.35 21.85
C TYR B 146 1.68 0.16 21.97
N ARG B 147 0.60 0.76 22.48
CA ARG B 147 0.51 2.20 22.63
C ARG B 147 0.39 2.65 24.09
N SER B 148 -0.55 2.05 24.81
CA SER B 148 -0.75 2.42 26.21
C SER B 148 -1.51 1.35 27.01
N GLY B 149 -1.55 1.54 28.32
CA GLY B 149 -2.23 0.59 29.19
C GLY B 149 -1.34 -0.56 29.60
N ILE B 150 -1.93 -1.55 30.25
CA ILE B 150 -1.18 -2.73 30.67
C ILE B 150 -1.20 -3.74 29.52
N PHE B 151 -0.01 -4.08 29.02
CA PHE B 151 0.10 -5.03 27.92
C PHE B 151 -0.32 -6.43 28.33
N THR B 152 -1.37 -6.93 27.68
CA THR B 152 -1.89 -8.27 27.95
C THR B 152 -1.97 -8.99 26.60
N GLY B 153 -1.36 -8.38 25.58
CA GLY B 153 -1.38 -8.94 24.25
C GLY B 153 -0.67 -10.27 24.08
N SER B 154 -0.69 -10.76 22.84
CA SER B 154 -0.08 -12.04 22.50
C SER B 154 1.42 -11.93 22.21
N CYS B 155 2.20 -12.81 22.84
CA CYS B 155 3.65 -12.82 22.67
C CYS B 155 4.23 -14.11 23.22
N ASN B 156 5.36 -14.55 22.68
CA ASN B 156 6.00 -15.77 23.16
C ASN B 156 7.07 -15.42 24.19
N ILE B 157 8.02 -16.34 24.43
CA ILE B 157 9.06 -16.10 25.41
C ILE B 157 10.49 -16.00 24.88
N SER B 158 10.65 -15.99 23.57
CA SER B 158 11.97 -15.89 22.98
C SER B 158 12.69 -14.62 23.43
N ALA B 159 13.97 -14.75 23.78
CA ALA B 159 14.76 -13.61 24.22
C ALA B 159 15.39 -12.94 23.01
N ASN B 160 14.58 -12.13 22.29
CA ASN B 160 15.07 -11.45 21.11
C ASN B 160 15.16 -9.93 21.29
N HIS B 161 14.88 -9.46 22.50
CA HIS B 161 14.95 -8.03 22.78
C HIS B 161 15.34 -7.78 24.23
N ALA B 162 16.19 -6.78 24.45
CA ALA B 162 16.64 -6.44 25.79
C ALA B 162 16.04 -5.12 26.25
N LEU B 163 15.56 -5.10 27.50
CA LEU B 163 14.96 -3.90 28.06
C LEU B 163 15.38 -3.76 29.53
N THR B 164 14.84 -2.74 30.19
CA THR B 164 15.17 -2.51 31.59
C THR B 164 13.92 -2.21 32.41
N VAL B 165 13.64 -3.10 33.37
CA VAL B 165 12.48 -2.93 34.24
C VAL B 165 12.85 -1.86 35.26
N VAL B 166 12.11 -0.76 35.28
CA VAL B 166 12.39 0.34 36.19
C VAL B 166 11.38 0.44 37.33
N GLY B 167 10.52 -0.56 37.45
CA GLY B 167 9.52 -0.53 38.51
C GLY B 167 8.34 -1.45 38.28
N TYR B 168 7.34 -1.35 39.15
CA TYR B 168 6.14 -2.15 39.05
C TYR B 168 5.00 -1.58 39.89
N GLY B 169 3.78 -1.94 39.57
CA GLY B 169 2.63 -1.45 40.31
C GLY B 169 1.35 -2.18 39.97
N THR B 170 0.21 -1.57 40.29
CA THR B 170 -1.08 -2.18 40.02
C THR B 170 -2.09 -1.14 39.52
N GLU B 171 -3.00 -1.58 38.66
CA GLU B 171 -4.03 -0.72 38.10
C GLU B 171 -5.20 -1.57 37.64
N ASN B 172 -6.42 -1.16 38.00
CA ASN B 172 -7.60 -1.92 37.60
C ASN B 172 -7.48 -3.37 38.07
N ASP B 173 -6.95 -3.57 39.27
CA ASP B 173 -6.76 -4.88 39.86
C ASP B 173 -5.82 -5.77 39.05
N LYS B 174 -4.96 -5.15 38.25
CA LYS B 174 -4.02 -5.88 37.42
C LYS B 174 -2.60 -5.39 37.70
N ASP B 175 -1.71 -6.31 38.04
CA ASP B 175 -0.32 -5.98 38.32
C ASP B 175 0.43 -5.79 37.01
N PHE B 176 1.50 -4.99 37.04
CA PHE B 176 2.29 -4.74 35.86
C PHE B 176 3.74 -4.38 36.16
N TRP B 177 4.57 -4.47 35.13
CA TRP B 177 5.98 -4.13 35.23
C TRP B 177 6.17 -2.85 34.42
N ILE B 178 6.98 -1.94 34.92
CA ILE B 178 7.25 -0.71 34.19
C ILE B 178 8.57 -0.97 33.46
N VAL B 179 8.49 -1.20 32.16
CA VAL B 179 9.68 -1.49 31.36
C VAL B 179 10.11 -0.38 30.43
N LYS B 180 11.38 0.00 30.53
CA LYS B 180 11.94 1.05 29.68
C LYS B 180 12.47 0.44 28.39
N ASN B 181 11.96 0.92 27.27
CA ASN B 181 12.40 0.44 25.96
C ASN B 181 13.32 1.49 25.34
N SER B 182 14.05 1.11 24.30
CA SER B 182 14.96 2.03 23.64
C SER B 182 14.57 2.30 22.19
N TRP B 183 13.28 2.52 21.97
CA TRP B 183 12.77 2.80 20.64
C TRP B 183 12.28 4.25 20.53
N GLY B 184 12.77 5.09 21.42
CA GLY B 184 12.38 6.50 21.40
C GLY B 184 11.17 6.77 22.27
N LYS B 185 10.86 8.05 22.45
CA LYS B 185 9.73 8.46 23.27
C LYS B 185 8.39 8.31 22.56
N ASN B 186 8.42 8.18 21.24
CA ASN B 186 7.20 8.05 20.46
C ASN B 186 6.57 6.66 20.52
N TRP B 187 7.29 5.69 21.10
CA TRP B 187 6.77 4.34 21.20
C TRP B 187 6.15 4.06 22.56
N GLY B 188 5.05 3.32 22.57
CA GLY B 188 4.37 2.98 23.81
C GLY B 188 4.04 4.20 24.65
N GLU B 189 4.11 4.04 25.97
CA GLU B 189 3.81 5.14 26.88
C GLU B 189 5.07 5.99 27.09
N SER B 190 5.33 6.87 26.14
CA SER B 190 6.48 7.76 26.19
C SER B 190 7.78 6.95 26.26
N GLY B 191 7.83 5.86 25.51
CA GLY B 191 9.01 5.02 25.49
C GLY B 191 8.96 3.84 26.44
N TYR B 192 7.89 3.77 27.24
CA TYR B 192 7.75 2.68 28.20
C TYR B 192 6.56 1.77 27.87
N ILE B 193 6.61 0.55 28.41
CA ILE B 193 5.54 -0.42 28.23
C ILE B 193 5.26 -1.08 29.58
N ARG B 194 4.01 -1.04 29.99
CA ARG B 194 3.61 -1.65 31.26
C ARG B 194 3.07 -3.04 30.96
N ALA B 195 3.94 -4.04 31.06
CA ALA B 195 3.55 -5.42 30.80
C ALA B 195 2.89 -6.02 32.03
N GLU B 196 1.87 -6.85 31.82
CA GLU B 196 1.17 -7.49 32.92
C GLU B 196 2.14 -8.27 33.80
N ARG B 197 1.94 -8.19 35.11
CA ARG B 197 2.80 -8.88 36.07
C ARG B 197 2.00 -9.94 36.82
N ASN B 198 2.70 -10.94 37.33
CA ASN B 198 2.08 -12.04 38.07
C ASN B 198 1.08 -12.81 37.21
N ILE B 199 1.53 -13.27 36.05
CA ILE B 199 0.67 -14.03 35.15
C ILE B 199 0.79 -15.52 35.42
N GLU B 200 0.05 -16.33 34.66
CA GLU B 200 0.06 -17.78 34.82
C GLU B 200 1.41 -18.44 34.53
N ASN B 201 1.95 -18.17 33.34
CA ASN B 201 3.22 -18.75 32.94
C ASN B 201 4.41 -18.30 33.77
N PRO B 202 5.19 -19.26 34.30
CA PRO B 202 6.36 -18.99 35.13
C PRO B 202 7.44 -18.15 34.42
N ASP B 203 7.37 -18.11 33.09
CA ASP B 203 8.33 -17.34 32.32
C ASP B 203 8.01 -15.85 32.32
N GLY B 204 6.87 -15.50 32.88
CA GLY B 204 6.47 -14.10 32.92
C GLY B 204 5.99 -13.64 31.56
N LYS B 205 5.48 -12.41 31.50
CA LYS B 205 4.99 -11.86 30.25
C LYS B 205 6.10 -11.74 29.21
N CYS B 206 5.88 -12.37 28.05
CA CYS B 206 6.84 -12.36 26.96
C CYS B 206 8.22 -12.87 27.40
N GLY B 207 8.24 -13.74 28.41
CA GLY B 207 9.48 -14.31 28.90
C GLY B 207 10.38 -13.35 29.65
N ILE B 208 9.79 -12.41 30.37
CA ILE B 208 10.52 -11.40 31.12
C ILE B 208 11.39 -11.94 32.26
N THR B 209 11.06 -13.12 32.77
CA THR B 209 11.82 -13.71 33.88
C THR B 209 12.90 -14.68 33.43
N ARG B 210 13.07 -14.84 32.13
CA ARG B 210 14.05 -15.78 31.58
C ARG B 210 15.52 -15.40 31.76
N PHE B 211 15.91 -14.22 31.30
CA PHE B 211 17.30 -13.80 31.41
C PHE B 211 17.48 -12.42 32.03
N ALA B 212 17.12 -12.30 33.30
CA ALA B 212 17.24 -11.04 34.01
C ALA B 212 18.51 -11.00 34.86
N SER B 213 19.20 -9.86 34.83
CA SER B 213 20.41 -9.67 35.60
C SER B 213 20.54 -8.19 35.94
N TYR B 214 21.42 -7.87 36.89
CA TYR B 214 21.61 -6.49 37.31
C TYR B 214 23.05 -6.24 37.72
N PRO B 215 23.51 -4.98 37.63
CA PRO B 215 24.88 -4.64 38.02
C PRO B 215 25.00 -4.48 39.53
N VAL B 216 26.17 -4.80 40.07
CA VAL B 216 26.41 -4.69 41.50
C VAL B 216 27.47 -3.62 41.76
N LYS B 217 27.13 -2.66 42.61
CA LYS B 217 28.03 -1.58 42.95
C LYS B 217 28.02 -1.38 44.47
N LYS B 218 29.15 -1.64 45.10
CA LYS B 218 29.27 -1.49 46.55
C LYS B 218 29.46 -0.03 46.95
N LEU C 3 -17.66 -28.21 15.46
CA LEU C 3 -17.15 -27.02 14.73
C LEU C 3 -17.89 -25.76 15.16
N PRO C 4 -17.15 -24.66 15.37
CA PRO C 4 -17.81 -23.42 15.78
C PRO C 4 -18.77 -22.93 14.70
N ASP C 5 -19.82 -22.22 15.10
CA ASP C 5 -20.79 -21.70 14.14
C ASP C 5 -20.13 -20.63 13.27
N SER C 6 -19.14 -19.96 13.84
CA SER C 6 -18.44 -18.91 13.12
C SER C 6 -17.06 -18.72 13.72
N ILE C 7 -16.14 -18.16 12.94
CA ILE C 7 -14.78 -17.91 13.40
C ILE C 7 -14.13 -16.80 12.58
N ASP C 8 -13.34 -15.98 13.25
CA ASP C 8 -12.65 -14.88 12.59
C ASP C 8 -11.24 -14.77 13.16
N TRP C 9 -10.27 -15.29 12.42
CA TRP C 9 -8.89 -15.26 12.87
C TRP C 9 -8.32 -13.85 12.98
N ARG C 10 -9.00 -12.89 12.34
CA ARG C 10 -8.58 -11.50 12.41
C ARG C 10 -8.84 -11.02 13.83
N GLU C 11 -10.00 -11.39 14.37
CA GLU C 11 -10.38 -11.01 15.71
C GLU C 11 -9.50 -11.74 16.72
N ASN C 12 -9.06 -12.94 16.36
CA ASN C 12 -8.21 -13.73 17.24
C ASN C 12 -6.76 -13.26 17.18
N GLY C 13 -6.52 -12.23 16.39
CA GLY C 13 -5.18 -11.66 16.26
C GLY C 13 -4.16 -12.46 15.47
N ALA C 14 -4.62 -13.28 14.53
CA ALA C 14 -3.72 -14.09 13.73
C ALA C 14 -3.57 -13.60 12.29
N VAL C 15 -4.02 -12.39 12.01
CA VAL C 15 -3.95 -11.84 10.66
C VAL C 15 -3.37 -10.42 10.61
N VAL C 16 -2.37 -10.23 9.75
CA VAL C 16 -1.75 -8.92 9.60
C VAL C 16 -2.57 -8.12 8.57
N PRO C 17 -2.46 -6.78 8.60
CA PRO C 17 -3.20 -5.93 7.66
C PRO C 17 -3.12 -6.40 6.21
N VAL C 18 -4.15 -6.06 5.43
CA VAL C 18 -4.20 -6.44 4.02
C VAL C 18 -3.05 -5.82 3.25
N LYS C 19 -2.45 -6.61 2.35
CA LYS C 19 -1.34 -6.13 1.54
C LYS C 19 -1.76 -5.99 0.08
N ASN C 20 -0.86 -5.47 -0.75
CA ASN C 20 -1.14 -5.27 -2.16
C ASN C 20 -0.02 -5.84 -3.02
N GLN C 21 -0.35 -6.86 -3.82
CA GLN C 21 0.63 -7.51 -4.69
C GLN C 21 1.03 -6.62 -5.87
N GLY C 22 0.25 -5.57 -6.10
CA GLY C 22 0.55 -4.66 -7.19
C GLY C 22 0.41 -5.30 -8.55
N GLY C 23 1.22 -4.86 -9.50
CA GLY C 23 1.16 -5.40 -10.85
C GLY C 23 1.98 -6.66 -11.03
N CYS C 24 2.20 -7.39 -9.95
CA CYS C 24 2.97 -8.63 -9.99
C CYS C 24 2.06 -9.81 -9.73
N GLY C 25 2.15 -10.83 -10.59
CA GLY C 25 1.32 -12.01 -10.43
C GLY C 25 1.86 -12.92 -9.34
N SER C 26 1.84 -12.44 -8.09
CA SER C 26 2.35 -13.21 -6.96
C SER C 26 1.29 -13.52 -5.91
N CYS C 27 0.03 -13.60 -6.33
CA CYS C 27 -1.06 -13.88 -5.38
C CYS C 27 -0.76 -15.14 -4.59
N TRP C 28 -0.15 -16.13 -5.26
CA TRP C 28 0.19 -17.39 -4.61
C TRP C 28 1.13 -17.17 -3.44
N ALA C 29 2.05 -16.22 -3.60
CA ALA C 29 3.03 -15.91 -2.55
C ALA C 29 2.33 -15.25 -1.36
N PHE C 30 1.37 -14.37 -1.64
CA PHE C 30 0.64 -13.68 -0.60
C PHE C 30 -0.26 -14.63 0.17
N SER C 31 -0.84 -15.60 -0.54
CA SER C 31 -1.72 -16.58 0.09
C SER C 31 -0.91 -17.46 1.03
N THR C 32 0.27 -17.86 0.57
CA THR C 32 1.15 -18.71 1.36
C THR C 32 1.60 -18.00 2.63
N VAL C 33 2.03 -16.74 2.47
CA VAL C 33 2.49 -15.94 3.60
C VAL C 33 1.39 -15.74 4.64
N ALA C 34 0.18 -15.40 4.18
CA ALA C 34 -0.94 -15.19 5.08
C ALA C 34 -1.19 -16.43 5.93
N ALA C 35 -1.18 -17.59 5.28
CA ALA C 35 -1.41 -18.86 5.99
C ALA C 35 -0.32 -19.13 7.02
N VAL C 36 0.93 -18.87 6.65
CA VAL C 36 2.05 -19.09 7.56
C VAL C 36 2.00 -18.10 8.73
N GLU C 37 1.67 -16.85 8.44
CA GLU C 37 1.57 -15.82 9.48
C GLU C 37 0.52 -16.25 10.49
N GLY C 38 -0.55 -16.86 9.99
CA GLY C 38 -1.63 -17.30 10.84
C GLY C 38 -1.26 -18.44 11.77
N ILE C 39 -0.70 -19.51 11.22
CA ILE C 39 -0.32 -20.67 12.03
C ILE C 39 0.78 -20.34 13.05
N ASN C 40 1.68 -19.43 12.69
CA ASN C 40 2.75 -19.05 13.61
C ASN C 40 2.18 -18.35 14.84
N GLN C 41 1.25 -17.43 14.61
CA GLN C 41 0.63 -16.70 15.71
C GLN C 41 -0.20 -17.64 16.58
N ILE C 42 -0.91 -18.56 15.94
CA ILE C 42 -1.74 -19.50 16.67
C ILE C 42 -0.89 -20.41 17.56
N VAL C 43 0.29 -20.78 17.07
CA VAL C 43 1.19 -21.67 17.80
C VAL C 43 2.13 -20.95 18.77
N THR C 44 2.65 -19.78 18.37
CA THR C 44 3.58 -19.04 19.22
C THR C 44 3.00 -17.80 19.88
N GLY C 45 1.94 -17.25 19.30
CA GLY C 45 1.34 -16.06 19.88
C GLY C 45 1.90 -14.79 19.27
N ASP C 46 3.01 -14.92 18.54
CA ASP C 46 3.63 -13.77 17.91
C ASP C 46 3.13 -13.61 16.48
N LEU C 47 2.56 -12.45 16.18
CA LEU C 47 2.07 -12.16 14.84
C LEU C 47 3.12 -11.38 14.09
N ILE C 48 3.79 -12.04 13.15
CA ILE C 48 4.85 -11.41 12.37
C ILE C 48 4.50 -11.38 10.89
N SER C 49 4.69 -10.23 10.26
CA SER C 49 4.42 -10.09 8.84
C SER C 49 5.60 -10.70 8.10
N LEU C 50 5.33 -11.64 7.20
CA LEU C 50 6.39 -12.32 6.48
C LEU C 50 6.62 -11.85 5.04
N SER C 51 7.74 -12.26 4.47
CA SER C 51 8.15 -11.87 3.13
C SER C 51 7.58 -12.66 1.96
N GLU C 52 6.85 -11.97 1.08
CA GLU C 52 6.28 -12.60 -0.10
C GLU C 52 7.35 -12.58 -1.18
N GLN C 53 8.19 -11.55 -1.15
CA GLN C 53 9.26 -11.39 -2.12
C GLN C 53 10.23 -12.55 -2.07
N GLN C 54 10.61 -12.98 -0.86
CA GLN C 54 11.53 -14.10 -0.73
C GLN C 54 10.96 -15.31 -1.45
N LEU C 55 9.65 -15.54 -1.29
CA LEU C 55 8.98 -16.66 -1.94
C LEU C 55 9.01 -16.46 -3.46
N VAL C 56 8.74 -15.24 -3.90
CA VAL C 56 8.73 -14.92 -5.32
C VAL C 56 10.10 -15.16 -5.94
N ASP C 57 11.15 -14.73 -5.24
CA ASP C 57 12.51 -14.88 -5.73
C ASP C 57 13.08 -16.28 -5.56
N CYS C 58 12.67 -16.97 -4.50
CA CYS C 58 13.22 -18.29 -4.21
C CYS C 58 12.45 -19.57 -4.54
N THR C 59 11.16 -19.49 -4.78
CA THR C 59 10.40 -20.69 -5.10
C THR C 59 10.70 -21.07 -6.56
N THR C 60 11.80 -21.79 -6.75
CA THR C 60 12.24 -22.21 -8.08
C THR C 60 11.24 -22.96 -8.95
N ALA C 61 10.29 -23.64 -8.34
CA ALA C 61 9.29 -24.39 -9.11
C ALA C 61 8.18 -23.47 -9.61
N ASN C 62 8.08 -22.28 -9.04
CA ASN C 62 7.07 -21.31 -9.44
C ASN C 62 7.66 -20.33 -10.44
N HIS C 63 6.83 -19.41 -10.94
CA HIS C 63 7.29 -18.45 -11.93
C HIS C 63 7.25 -16.99 -11.48
N GLY C 64 7.59 -16.75 -10.22
CA GLY C 64 7.60 -15.40 -9.69
C GLY C 64 6.35 -14.60 -9.98
N CYS C 65 6.54 -13.43 -10.60
CA CYS C 65 5.43 -12.54 -10.93
C CYS C 65 4.60 -13.08 -12.09
N ARG C 66 4.95 -14.25 -12.60
CA ARG C 66 4.22 -14.86 -13.70
C ARG C 66 3.31 -15.99 -13.23
N GLY C 67 3.17 -16.15 -11.91
CA GLY C 67 2.31 -17.19 -11.38
C GLY C 67 3.01 -18.31 -10.64
N GLY C 68 2.22 -19.14 -9.97
CA GLY C 68 2.76 -20.26 -9.21
C GLY C 68 1.72 -20.83 -8.27
N TRP C 69 2.09 -21.90 -7.56
CA TRP C 69 1.18 -22.53 -6.62
C TRP C 69 1.68 -22.31 -5.19
N MET C 70 0.79 -22.49 -4.22
CA MET C 70 1.13 -22.29 -2.82
C MET C 70 1.99 -23.40 -2.22
N ASN C 71 1.65 -24.64 -2.52
CA ASN C 71 2.39 -25.79 -1.99
C ASN C 71 3.90 -25.72 -2.26
N PRO C 72 4.30 -25.38 -3.49
CA PRO C 72 5.74 -25.30 -3.78
C PRO C 72 6.38 -24.23 -2.87
N ALA C 73 5.60 -23.20 -2.56
CA ALA C 73 6.06 -22.12 -1.69
C ALA C 73 6.22 -22.64 -0.27
N PHE C 74 5.24 -23.42 0.19
CA PHE C 74 5.28 -24.00 1.52
C PHE C 74 6.53 -24.87 1.61
N GLN C 75 6.80 -25.60 0.53
CA GLN C 75 7.95 -26.49 0.46
C GLN C 75 9.27 -25.72 0.59
N PHE C 76 9.34 -24.55 -0.03
CA PHE C 76 10.55 -23.74 0.05
C PHE C 76 10.81 -23.34 1.50
N ILE C 77 9.76 -22.85 2.17
CA ILE C 77 9.87 -22.44 3.56
C ILE C 77 10.40 -23.59 4.39
N VAL C 78 9.93 -24.80 4.09
CA VAL C 78 10.37 -25.99 4.81
C VAL C 78 11.84 -26.24 4.49
N ASN C 79 12.18 -26.19 3.21
CA ASN C 79 13.55 -26.42 2.76
C ASN C 79 14.52 -25.37 3.30
N ASN C 80 14.07 -24.12 3.33
CA ASN C 80 14.88 -23.00 3.81
C ASN C 80 14.98 -22.94 5.32
N GLY C 81 14.18 -23.74 6.01
CA GLY C 81 14.20 -23.73 7.46
C GLY C 81 13.48 -22.51 8.01
N GLY C 82 12.66 -21.89 7.17
CA GLY C 82 11.92 -20.72 7.59
C GLY C 82 11.77 -19.66 6.51
N ILE C 83 11.07 -18.59 6.87
CA ILE C 83 10.84 -17.49 5.94
C ILE C 83 11.21 -16.17 6.61
N ASN C 84 11.79 -15.26 5.83
CA ASN C 84 12.20 -13.95 6.33
C ASN C 84 10.99 -13.11 6.69
N SER C 85 11.22 -12.04 7.44
CA SER C 85 10.15 -11.14 7.83
C SER C 85 9.94 -10.18 6.66
N GLU C 86 8.77 -9.56 6.64
CA GLU C 86 8.43 -8.61 5.58
C GLU C 86 9.44 -7.47 5.55
N GLU C 87 9.90 -7.06 6.73
CA GLU C 87 10.85 -5.96 6.87
C GLU C 87 12.26 -6.20 6.32
N THR C 88 12.81 -7.38 6.60
CA THR C 88 14.17 -7.70 6.14
C THR C 88 14.26 -8.08 4.67
N TYR C 89 13.13 -8.49 4.09
CA TYR C 89 13.06 -8.88 2.68
C TYR C 89 11.76 -8.27 2.14
N PRO C 90 11.73 -6.94 2.00
CA PRO C 90 10.57 -6.20 1.51
C PRO C 90 10.07 -6.57 0.12
N TYR C 91 8.80 -6.28 -0.13
CA TYR C 91 8.15 -6.58 -1.40
C TYR C 91 8.53 -5.55 -2.45
N ARG C 92 8.95 -6.04 -3.62
CA ARG C 92 9.34 -5.18 -4.73
C ARG C 92 8.30 -5.24 -5.84
N GLY C 93 7.55 -6.33 -5.88
CA GLY C 93 6.53 -6.48 -6.90
C GLY C 93 7.11 -6.83 -8.26
N GLN C 94 8.25 -7.50 -8.25
CA GLN C 94 8.90 -7.91 -9.50
C GLN C 94 9.91 -9.01 -9.24
N ASP C 95 10.12 -9.85 -10.25
CA ASP C 95 11.07 -10.95 -10.13
C ASP C 95 12.44 -10.43 -9.71
N GLY C 96 13.16 -11.26 -8.95
CA GLY C 96 14.49 -10.87 -8.50
C GLY C 96 15.30 -12.09 -8.17
N ILE C 97 16.58 -11.89 -7.87
CA ILE C 97 17.47 -12.99 -7.53
C ILE C 97 17.23 -13.41 -6.08
N CYS C 98 17.13 -14.71 -5.84
CA CYS C 98 16.93 -15.20 -4.48
C CYS C 98 18.16 -14.79 -3.67
N ASN C 99 18.00 -13.73 -2.89
CA ASN C 99 19.10 -13.21 -2.08
C ASN C 99 19.43 -14.05 -0.86
N SER C 100 20.54 -14.78 -0.93
CA SER C 100 20.97 -15.63 0.19
C SER C 100 21.70 -14.80 1.23
N THR C 101 22.19 -13.63 0.84
CA THR C 101 22.92 -12.77 1.77
C THR C 101 21.99 -12.16 2.82
N VAL C 102 20.72 -12.00 2.47
CA VAL C 102 19.75 -11.43 3.40
C VAL C 102 18.91 -12.50 4.10
N ASN C 103 19.14 -13.75 3.73
CA ASN C 103 18.39 -14.85 4.33
C ASN C 103 18.52 -14.88 5.84
N ALA C 104 17.37 -14.82 6.52
CA ALA C 104 17.33 -14.84 7.98
C ALA C 104 15.91 -15.18 8.42
N PRO C 105 15.53 -16.46 8.29
CA PRO C 105 14.18 -16.92 8.67
C PRO C 105 13.81 -16.58 10.10
N VAL C 106 12.60 -16.06 10.27
CA VAL C 106 12.09 -15.68 11.59
C VAL C 106 10.94 -16.62 11.94
N VAL C 107 10.29 -17.16 10.91
CA VAL C 107 9.18 -18.07 11.09
C VAL C 107 9.38 -19.34 10.28
N SER C 108 9.22 -20.48 10.93
CA SER C 108 9.39 -21.77 10.26
C SER C 108 8.16 -22.67 10.43
N ILE C 109 8.04 -23.63 9.53
CA ILE C 109 6.94 -24.59 9.56
C ILE C 109 7.53 -25.99 9.39
N ASP C 110 6.80 -27.00 9.85
CA ASP C 110 7.28 -28.37 9.76
C ASP C 110 6.82 -29.07 8.49
N SER C 111 5.62 -28.72 8.04
CA SER C 111 5.06 -29.33 6.83
C SER C 111 3.85 -28.54 6.35
N TYR C 112 3.07 -29.16 5.47
CA TYR C 112 1.86 -28.54 4.94
C TYR C 112 0.95 -29.64 4.44
N GLU C 113 -0.36 -29.40 4.46
CA GLU C 113 -1.30 -30.41 4.04
C GLU C 113 -2.41 -29.86 3.16
N ASN C 114 -2.97 -30.73 2.33
CA ASN C 114 -4.06 -30.37 1.43
C ASN C 114 -5.37 -30.71 2.14
N VAL C 115 -6.38 -29.89 1.92
CA VAL C 115 -7.69 -30.13 2.51
C VAL C 115 -8.48 -31.01 1.55
N PRO C 116 -9.13 -32.07 2.05
CA PRO C 116 -9.91 -32.92 1.14
C PRO C 116 -10.84 -32.03 0.32
N SER C 117 -10.67 -32.04 -1.00
CA SER C 117 -11.46 -31.21 -1.89
C SER C 117 -12.94 -31.56 -2.03
N HIS C 118 -13.66 -30.69 -2.75
CA HIS C 118 -15.07 -30.86 -3.01
C HIS C 118 -15.90 -31.12 -1.76
N ASN C 119 -15.55 -30.45 -0.68
CA ASN C 119 -16.26 -30.60 0.58
C ASN C 119 -16.12 -29.35 1.45
N GLU C 120 -17.15 -28.51 1.43
CA GLU C 120 -17.13 -27.28 2.22
C GLU C 120 -17.06 -27.57 3.71
N GLN C 121 -17.53 -28.74 4.13
CA GLN C 121 -17.50 -29.12 5.53
C GLN C 121 -16.05 -29.37 5.93
N SER C 122 -15.30 -30.00 5.04
CA SER C 122 -13.89 -30.29 5.28
C SER C 122 -13.11 -28.98 5.37
N LEU C 123 -13.40 -28.08 4.44
CA LEU C 123 -12.74 -26.79 4.42
C LEU C 123 -13.05 -26.01 5.70
N GLN C 124 -14.30 -26.11 6.15
CA GLN C 124 -14.73 -25.42 7.36
C GLN C 124 -13.95 -25.94 8.57
N LYS C 125 -13.75 -27.25 8.62
CA LYS C 125 -13.03 -27.86 9.72
C LYS C 125 -11.59 -27.33 9.75
N ALA C 126 -11.00 -27.18 8.57
CA ALA C 126 -9.63 -26.69 8.45
C ALA C 126 -9.53 -25.22 8.86
N VAL C 127 -10.49 -24.41 8.39
CA VAL C 127 -10.51 -22.98 8.70
C VAL C 127 -10.74 -22.75 10.19
N ALA C 128 -11.47 -23.67 10.83
CA ALA C 128 -11.77 -23.55 12.25
C ALA C 128 -10.49 -23.70 13.08
N ASN C 129 -9.46 -24.27 12.46
CA ASN C 129 -8.19 -24.48 13.15
C ASN C 129 -7.12 -23.46 12.77
N GLN C 130 -7.24 -22.91 11.56
CA GLN C 130 -6.26 -21.93 11.09
C GLN C 130 -6.63 -21.37 9.72
N PRO C 131 -6.06 -20.23 9.34
CA PRO C 131 -6.38 -19.65 8.03
C PRO C 131 -5.94 -20.65 6.97
N VAL C 132 -6.70 -20.75 5.88
CA VAL C 132 -6.37 -21.70 4.83
C VAL C 132 -6.13 -21.07 3.46
N SER C 133 -5.06 -21.49 2.80
CA SER C 133 -4.73 -21.01 1.48
C SER C 133 -5.65 -21.69 0.47
N VAL C 134 -6.23 -20.91 -0.44
CA VAL C 134 -7.13 -21.48 -1.43
C VAL C 134 -7.01 -20.78 -2.78
N THR C 135 -7.54 -21.43 -3.81
CA THR C 135 -7.54 -20.88 -5.16
C THR C 135 -9.00 -20.65 -5.51
N MET C 136 -9.28 -19.56 -6.21
CA MET C 136 -10.64 -19.24 -6.62
C MET C 136 -10.61 -18.64 -8.01
N ASP C 137 -11.76 -18.63 -8.66
CA ASP C 137 -11.86 -18.06 -9.99
C ASP C 137 -12.20 -16.59 -9.81
N ALA C 138 -11.19 -15.73 -10.01
CA ALA C 138 -11.37 -14.29 -9.86
C ALA C 138 -11.21 -13.55 -11.17
N ALA C 139 -11.41 -14.24 -12.29
CA ALA C 139 -11.26 -13.65 -13.60
C ALA C 139 -12.53 -12.93 -14.05
N GLY C 140 -13.65 -13.22 -13.40
CA GLY C 140 -14.92 -12.59 -13.77
C GLY C 140 -15.15 -11.19 -13.23
N ARG C 141 -16.00 -10.44 -13.91
CA ARG C 141 -16.34 -9.07 -13.52
C ARG C 141 -17.01 -8.97 -12.16
N ASP C 142 -17.92 -9.90 -11.90
CA ASP C 142 -18.64 -9.92 -10.64
C ASP C 142 -17.67 -9.94 -9.46
N PHE C 143 -16.74 -10.89 -9.49
CA PHE C 143 -15.75 -11.03 -8.43
C PHE C 143 -14.86 -9.79 -8.30
N GLN C 144 -14.26 -9.38 -9.42
CA GLN C 144 -13.37 -8.23 -9.43
C GLN C 144 -14.03 -6.91 -9.07
N LEU C 145 -15.31 -6.78 -9.38
CA LEU C 145 -16.06 -5.56 -9.10
C LEU C 145 -16.76 -5.62 -7.75
N TYR C 146 -16.54 -6.70 -7.01
CA TYR C 146 -17.16 -6.88 -5.70
C TYR C 146 -16.77 -5.74 -4.75
N ARG C 147 -17.75 -5.21 -4.03
CA ARG C 147 -17.50 -4.12 -3.10
C ARG C 147 -17.85 -4.49 -1.65
N SER C 148 -19.02 -5.06 -1.43
CA SER C 148 -19.42 -5.43 -0.07
C SER C 148 -20.55 -6.47 -0.04
N GLY C 149 -20.81 -6.99 1.15
CA GLY C 149 -21.86 -7.99 1.33
C GLY C 149 -21.35 -9.39 1.05
N ILE C 150 -22.27 -10.35 1.01
CA ILE C 150 -21.91 -11.73 0.72
C ILE C 150 -21.93 -11.94 -0.79
N PHE C 151 -20.79 -12.30 -1.36
CA PHE C 151 -20.68 -12.52 -2.79
C PHE C 151 -21.49 -13.71 -3.26
N THR C 152 -22.47 -13.46 -4.11
CA THR C 152 -23.32 -14.50 -4.67
C THR C 152 -23.30 -14.34 -6.18
N GLY C 153 -22.38 -13.51 -6.65
CA GLY C 153 -22.25 -13.24 -8.07
C GLY C 153 -21.86 -14.43 -8.94
N SER C 154 -21.75 -14.17 -10.23
CA SER C 154 -21.40 -15.19 -11.21
C SER C 154 -19.89 -15.41 -11.32
N CYS C 155 -19.47 -16.67 -11.26
CA CYS C 155 -18.06 -17.03 -11.35
C CYS C 155 -17.92 -18.53 -11.60
N ASN C 156 -16.84 -18.94 -12.26
CA ASN C 156 -16.60 -20.35 -12.53
C ASN C 156 -15.70 -20.94 -11.45
N ILE C 157 -15.08 -22.08 -11.73
CA ILE C 157 -14.23 -22.73 -10.74
C ILE C 157 -12.74 -22.82 -11.07
N SER C 158 -12.33 -22.16 -12.15
CA SER C 158 -10.91 -22.18 -12.53
C SER C 158 -10.03 -21.63 -11.41
N ALA C 159 -8.91 -22.30 -11.15
CA ALA C 159 -7.98 -21.86 -10.12
C ALA C 159 -6.99 -20.88 -10.72
N ASN C 160 -7.42 -19.62 -10.90
CA ASN C 160 -6.57 -18.60 -11.47
C ASN C 160 -6.16 -17.53 -10.48
N HIS C 161 -6.55 -17.69 -9.22
CA HIS C 161 -6.22 -16.73 -8.18
C HIS C 161 -6.08 -17.41 -6.82
N ALA C 162 -5.08 -16.99 -6.06
CA ALA C 162 -4.84 -17.56 -4.74
C ALA C 162 -5.19 -16.57 -3.64
N LEU C 163 -5.89 -17.06 -2.62
CA LEU C 163 -6.31 -16.22 -1.50
C LEU C 163 -6.16 -17.00 -0.19
N THR C 164 -6.57 -16.39 0.91
CA THR C 164 -6.49 -17.02 2.21
C THR C 164 -7.77 -16.85 3.01
N VAL C 165 -8.44 -17.96 3.29
CA VAL C 165 -9.67 -17.93 4.07
C VAL C 165 -9.27 -17.72 5.53
N VAL C 166 -9.72 -16.63 6.13
CA VAL C 166 -9.38 -16.33 7.51
C VAL C 166 -10.54 -16.53 8.48
N GLY C 167 -11.63 -17.13 7.99
CA GLY C 167 -12.78 -17.37 8.84
C GLY C 167 -14.07 -17.61 8.09
N TYR C 168 -15.17 -17.68 8.83
CA TYR C 168 -16.49 -17.90 8.25
C TYR C 168 -17.59 -17.54 9.23
N GLY C 169 -18.79 -17.29 8.71
CA GLY C 169 -19.91 -16.93 9.56
C GLY C 169 -21.23 -16.94 8.83
N THR C 170 -22.23 -16.28 9.38
CA THR C 170 -23.55 -16.22 8.78
C THR C 170 -24.18 -14.85 8.91
N GLU C 171 -24.96 -14.47 7.91
CA GLU C 171 -25.65 -13.18 7.91
C GLU C 171 -26.87 -13.26 7.01
N ASN C 172 -28.00 -12.76 7.50
CA ASN C 172 -29.24 -12.78 6.74
C ASN C 172 -29.54 -14.21 6.28
N ASP C 173 -29.33 -15.16 7.18
CA ASP C 173 -29.56 -16.57 6.92
C ASP C 173 -28.71 -17.14 5.80
N LYS C 174 -27.59 -16.48 5.51
CA LYS C 174 -26.70 -16.93 4.45
C LYS C 174 -25.28 -17.11 5.00
N ASP C 175 -24.73 -18.29 4.80
CA ASP C 175 -23.39 -18.60 5.27
C ASP C 175 -22.35 -17.99 4.32
N PHE C 176 -21.17 -17.70 4.84
CA PHE C 176 -20.12 -17.11 4.02
C PHE C 176 -18.72 -17.43 4.52
N TRP C 177 -17.74 -17.21 3.65
CA TRP C 177 -16.33 -17.43 3.97
C TRP C 177 -15.70 -16.04 4.04
N ILE C 178 -14.81 -15.83 4.98
CA ILE C 178 -14.12 -14.54 5.09
C ILE C 178 -12.78 -14.77 4.39
N VAL C 179 -12.65 -14.24 3.17
CA VAL C 179 -11.43 -14.43 2.39
C VAL C 179 -10.57 -13.18 2.25
N LYS C 180 -9.29 -13.32 2.61
CA LYS C 180 -8.36 -12.21 2.51
C LYS C 180 -7.73 -12.18 1.12
N ASN C 181 -7.87 -11.05 0.44
CA ASN C 181 -7.31 -10.88 -0.90
C ASN C 181 -6.07 -10.00 -0.79
N SER C 182 -5.25 -9.98 -1.84
CA SER C 182 -4.03 -9.18 -1.83
C SER C 182 -4.06 -8.08 -2.89
N TRP C 183 -5.19 -7.40 -3.00
CA TRP C 183 -5.35 -6.33 -3.98
C TRP C 183 -5.45 -4.97 -3.27
N GLY C 184 -4.97 -4.91 -2.04
CA GLY C 184 -5.01 -3.66 -1.29
C GLY C 184 -6.27 -3.53 -0.45
N LYS C 185 -6.30 -2.53 0.40
CA LYS C 185 -7.45 -2.29 1.27
C LYS C 185 -8.61 -1.62 0.55
N ASN C 186 -8.35 -1.05 -0.61
CA ASN C 186 -9.37 -0.37 -1.38
C ASN C 186 -10.31 -1.31 -2.13
N TRP C 187 -9.97 -2.59 -2.17
CA TRP C 187 -10.81 -3.57 -2.86
C TRP C 187 -11.73 -4.32 -1.91
N GLY C 188 -12.96 -4.58 -2.37
CA GLY C 188 -13.93 -5.29 -1.55
C GLY C 188 -14.13 -4.66 -0.19
N GLU C 189 -14.35 -5.50 0.82
CA GLU C 189 -14.56 -5.01 2.18
C GLU C 189 -13.23 -4.83 2.88
N SER C 190 -12.57 -3.71 2.59
CA SER C 190 -11.27 -3.38 3.17
C SER C 190 -10.25 -4.44 2.83
N GLY C 191 -10.32 -4.94 1.59
CA GLY C 191 -9.37 -5.96 1.15
C GLY C 191 -9.89 -7.38 1.27
N TYR C 192 -11.07 -7.53 1.85
CA TYR C 192 -11.67 -8.86 2.03
C TYR C 192 -12.93 -9.05 1.20
N ILE C 193 -13.29 -10.31 0.98
CA ILE C 193 -14.49 -10.68 0.25
C ILE C 193 -15.17 -11.82 0.98
N ARG C 194 -16.44 -11.62 1.31
CA ARG C 194 -17.21 -12.65 1.99
C ARG C 194 -17.99 -13.44 0.95
N ALA C 195 -17.43 -14.55 0.51
CA ALA C 195 -18.06 -15.38 -0.50
C ALA C 195 -19.07 -16.32 0.15
N GLU C 196 -20.19 -16.55 -0.53
CA GLU C 196 -21.23 -17.42 0.00
C GLU C 196 -20.65 -18.80 0.34
N ARG C 197 -21.10 -19.36 1.45
CA ARG C 197 -20.63 -20.67 1.90
C ARG C 197 -21.79 -21.67 1.89
N ASN C 198 -21.45 -22.95 1.77
CA ASN C 198 -22.45 -24.01 1.75
C ASN C 198 -23.41 -23.88 0.57
N ILE C 199 -22.86 -23.76 -0.63
CA ILE C 199 -23.68 -23.63 -1.83
C ILE C 199 -23.97 -25.00 -2.44
N GLU C 200 -24.70 -25.01 -3.54
CA GLU C 200 -25.07 -26.25 -4.22
C GLU C 200 -23.88 -27.03 -4.78
N ASN C 201 -23.06 -26.37 -5.59
CA ASN C 201 -21.91 -27.00 -6.21
C ASN C 201 -20.83 -27.45 -5.22
N PRO C 202 -20.43 -28.72 -5.30
CA PRO C 202 -19.40 -29.30 -4.41
C PRO C 202 -18.05 -28.59 -4.49
N ASP C 203 -17.84 -27.84 -5.56
CA ASP C 203 -16.59 -27.11 -5.75
C ASP C 203 -16.55 -25.83 -4.92
N GLY C 204 -17.67 -25.50 -4.31
CA GLY C 204 -17.73 -24.30 -3.49
C GLY C 204 -17.80 -23.07 -4.38
N LYS C 205 -17.98 -21.90 -3.76
CA LYS C 205 -18.08 -20.65 -4.51
C LYS C 205 -16.79 -20.36 -5.27
N CYS C 206 -16.91 -20.18 -6.57
CA CYS C 206 -15.77 -19.90 -7.44
C CYS C 206 -14.67 -20.95 -7.31
N GLY C 207 -15.06 -22.18 -6.97
CA GLY C 207 -14.10 -23.27 -6.83
C GLY C 207 -13.17 -23.16 -5.64
N ILE C 208 -13.68 -22.62 -4.54
CA ILE C 208 -12.89 -22.43 -3.32
C ILE C 208 -12.41 -23.72 -2.65
N THR C 209 -13.10 -24.83 -2.90
CA THR C 209 -12.73 -26.11 -2.29
C THR C 209 -11.84 -26.98 -3.17
N ARG C 210 -11.45 -26.47 -4.33
CA ARG C 210 -10.64 -27.23 -5.27
C ARG C 210 -9.19 -27.48 -4.87
N PHE C 211 -8.44 -26.41 -4.56
CA PHE C 211 -7.05 -26.56 -4.19
C PHE C 211 -6.67 -25.84 -2.90
N ALA C 212 -7.25 -26.30 -1.79
CA ALA C 212 -6.99 -25.70 -0.49
C ALA C 212 -5.94 -26.51 0.29
N SER C 213 -5.01 -25.80 0.91
CA SER C 213 -3.95 -26.41 1.71
C SER C 213 -3.56 -25.45 2.82
N TYR C 214 -2.83 -25.97 3.82
CA TYR C 214 -2.41 -25.15 4.95
C TYR C 214 -1.07 -25.61 5.49
N PRO C 215 -0.33 -24.69 6.13
CA PRO C 215 0.97 -25.05 6.70
C PRO C 215 0.83 -25.76 8.04
N VAL C 216 1.75 -26.66 8.35
CA VAL C 216 1.73 -27.39 9.60
C VAL C 216 2.94 -26.99 10.45
N LYS C 217 2.66 -26.57 11.68
CA LYS C 217 3.70 -26.17 12.61
C LYS C 217 3.44 -26.81 13.97
N LYS C 218 4.34 -27.69 14.39
CA LYS C 218 4.21 -28.37 15.67
C LYS C 218 4.59 -27.43 16.81
N LEU D 3 -13.93 34.17 0.57
CA LEU D 3 -13.42 32.79 0.77
C LEU D 3 -14.53 31.86 1.27
N PRO D 4 -14.61 30.64 0.70
CA PRO D 4 -15.66 29.72 1.15
C PRO D 4 -15.47 29.38 2.62
N ASP D 5 -16.57 29.06 3.30
CA ASP D 5 -16.51 28.71 4.71
C ASP D 5 -15.79 27.39 4.88
N SER D 6 -15.88 26.54 3.86
CA SER D 6 -15.24 25.24 3.89
C SER D 6 -15.00 24.74 2.47
N ILE D 7 -14.04 23.84 2.32
CA ILE D 7 -13.72 23.29 1.00
C ILE D 7 -13.05 21.93 1.15
N ASP D 8 -13.37 21.02 0.24
CA ASP D 8 -12.80 19.68 0.25
C ASP D 8 -12.50 19.26 -1.18
N TRP D 9 -11.23 19.37 -1.57
CA TRP D 9 -10.82 19.01 -2.92
C TRP D 9 -11.02 17.53 -3.22
N ARG D 10 -11.17 16.72 -2.18
CA ARG D 10 -11.40 15.30 -2.35
C ARG D 10 -12.80 15.12 -2.94
N GLU D 11 -13.75 15.89 -2.42
CA GLU D 11 -15.12 15.84 -2.88
C GLU D 11 -15.22 16.44 -4.28
N ASN D 12 -14.33 17.38 -4.56
CA ASN D 12 -14.30 18.04 -5.87
C ASN D 12 -13.60 17.16 -6.91
N GLY D 13 -13.14 15.99 -6.48
CA GLY D 13 -12.49 15.05 -7.37
C GLY D 13 -11.07 15.40 -7.81
N ALA D 14 -10.35 16.16 -6.98
CA ALA D 14 -8.98 16.55 -7.33
C ALA D 14 -7.92 15.84 -6.49
N VAL D 15 -8.31 14.76 -5.81
CA VAL D 15 -7.38 14.02 -4.97
C VAL D 15 -7.43 12.51 -5.19
N VAL D 16 -6.27 11.91 -5.42
CA VAL D 16 -6.19 10.46 -5.63
C VAL D 16 -6.08 9.79 -4.26
N PRO D 17 -6.43 8.50 -4.17
CA PRO D 17 -6.35 7.77 -2.90
C PRO D 17 -5.03 7.97 -2.15
N VAL D 18 -5.09 7.83 -0.82
CA VAL D 18 -3.91 7.99 0.02
C VAL D 18 -2.86 6.95 -0.33
N LYS D 19 -1.60 7.38 -0.36
CA LYS D 19 -0.49 6.49 -0.67
C LYS D 19 0.39 6.26 0.56
N ASN D 20 1.37 5.38 0.43
CA ASN D 20 2.26 5.06 1.54
C ASN D 20 3.73 5.15 1.10
N GLN D 21 4.46 6.09 1.69
CA GLN D 21 5.87 6.29 1.37
C GLN D 21 6.75 5.16 1.89
N GLY D 22 6.19 4.34 2.79
CA GLY D 22 6.94 3.24 3.34
C GLY D 22 8.11 3.68 4.19
N GLY D 23 9.17 2.88 4.20
CA GLY D 23 10.35 3.20 4.99
C GLY D 23 11.32 4.14 4.27
N CYS D 24 10.80 4.93 3.34
CA CYS D 24 11.63 5.86 2.59
C CYS D 24 11.26 7.30 2.98
N GLY D 25 12.27 8.11 3.29
CA GLY D 25 12.03 9.49 3.67
C GLY D 25 11.75 10.36 2.46
N SER D 26 10.63 10.09 1.79
CA SER D 26 10.26 10.84 0.60
C SER D 26 8.94 11.60 0.75
N CYS D 27 8.59 11.97 1.98
CA CYS D 27 7.34 12.69 2.22
C CYS D 27 7.26 13.92 1.31
N TRP D 28 8.39 14.59 1.12
CA TRP D 28 8.45 15.78 0.28
C TRP D 28 7.99 15.48 -1.14
N ALA D 29 8.35 14.30 -1.64
CA ALA D 29 7.97 13.87 -2.98
C ALA D 29 6.47 13.63 -3.07
N PHE D 30 5.91 13.03 -2.04
CA PHE D 30 4.48 12.73 -1.99
C PHE D 30 3.66 14.02 -1.88
N SER D 31 4.18 14.99 -1.12
CA SER D 31 3.50 16.27 -0.96
C SER D 31 3.46 17.01 -2.28
N THR D 32 4.59 16.98 -2.99
CA THR D 32 4.71 17.64 -4.28
C THR D 32 3.76 17.04 -5.30
N VAL D 33 3.75 15.71 -5.36
CA VAL D 33 2.89 14.99 -6.30
C VAL D 33 1.41 15.27 -6.05
N ALA D 34 1.01 15.23 -4.77
CA ALA D 34 -0.38 15.48 -4.41
C ALA D 34 -0.82 16.86 -4.90
N ALA D 35 0.03 17.86 -4.69
CA ALA D 35 -0.27 19.22 -5.11
C ALA D 35 -0.41 19.32 -6.62
N VAL D 36 0.50 18.67 -7.34
CA VAL D 36 0.47 18.69 -8.80
C VAL D 36 -0.75 17.96 -9.33
N GLU D 37 -1.08 16.81 -8.72
CA GLU D 37 -2.24 16.03 -9.13
C GLU D 37 -3.50 16.88 -8.97
N GLY D 38 -3.51 17.69 -7.92
CA GLY D 38 -4.64 18.55 -7.66
C GLY D 38 -4.83 19.67 -8.67
N ILE D 39 -3.78 20.43 -8.92
CA ILE D 39 -3.85 21.54 -9.88
C ILE D 39 -4.15 21.07 -11.30
N ASN D 40 -3.64 19.90 -11.68
CA ASN D 40 -3.88 19.37 -13.01
C ASN D 40 -5.35 19.06 -13.21
N GLN D 41 -5.96 18.41 -12.22
CA GLN D 41 -7.37 18.07 -12.29
C GLN D 41 -8.24 19.32 -12.30
N ILE D 42 -7.86 20.30 -11.49
CA ILE D 42 -8.61 21.56 -11.41
C ILE D 42 -8.57 22.29 -12.74
N VAL D 43 -7.42 22.23 -13.42
CA VAL D 43 -7.25 22.92 -14.70
C VAL D 43 -7.69 22.11 -15.92
N THR D 44 -7.43 20.81 -15.92
CA THR D 44 -7.79 19.97 -17.05
C THR D 44 -9.00 19.06 -16.83
N GLY D 45 -9.30 18.76 -15.58
CA GLY D 45 -10.42 17.89 -15.28
C GLY D 45 -10.02 16.44 -15.17
N ASP D 46 -8.80 16.13 -15.61
CA ASP D 46 -8.28 14.77 -15.56
C ASP D 46 -7.50 14.54 -14.28
N LEU D 47 -7.93 13.57 -13.49
CA LEU D 47 -7.23 13.24 -12.25
C LEU D 47 -6.29 12.07 -12.51
N ILE D 48 -5.00 12.37 -12.57
CA ILE D 48 -3.98 11.35 -12.84
C ILE D 48 -3.03 11.20 -11.65
N SER D 49 -2.77 9.95 -11.27
CA SER D 49 -1.85 9.68 -10.16
C SER D 49 -0.44 9.82 -10.73
N LEU D 50 0.38 10.64 -10.10
CA LEU D 50 1.74 10.88 -10.59
C LEU D 50 2.84 10.15 -9.84
N SER D 51 4.04 10.14 -10.42
CA SER D 51 5.19 9.44 -9.87
C SER D 51 6.02 10.18 -8.82
N GLU D 52 6.11 9.60 -7.63
CA GLU D 52 6.89 10.17 -6.55
C GLU D 52 8.33 9.70 -6.73
N GLN D 53 8.46 8.48 -7.26
CA GLN D 53 9.76 7.87 -7.50
C GLN D 53 10.60 8.70 -8.46
N GLN D 54 9.99 9.18 -9.53
CA GLN D 54 10.72 9.99 -10.49
C GLN D 54 11.32 11.19 -9.77
N LEU D 55 10.55 11.81 -8.88
CA LEU D 55 11.01 12.97 -8.11
C LEU D 55 12.15 12.55 -7.19
N VAL D 56 12.00 11.40 -6.54
CA VAL D 56 13.00 10.88 -5.62
C VAL D 56 14.32 10.61 -6.36
N ASP D 57 14.22 10.01 -7.55
CA ASP D 57 15.40 9.69 -8.34
C ASP D 57 15.99 10.89 -9.08
N CYS D 58 15.15 11.81 -9.51
CA CYS D 58 15.61 12.95 -10.30
C CYS D 58 15.82 14.32 -9.67
N THR D 59 15.25 14.58 -8.50
CA THR D 59 15.45 15.89 -7.87
C THR D 59 16.85 15.94 -7.27
N THR D 60 17.83 16.28 -8.11
CA THR D 60 19.23 16.35 -7.72
C THR D 60 19.57 17.20 -6.51
N ALA D 61 18.77 18.22 -6.24
CA ALA D 61 19.04 19.10 -5.10
C ALA D 61 18.55 18.48 -3.80
N ASN D 62 17.70 17.46 -3.90
CA ASN D 62 17.16 16.78 -2.74
C ASN D 62 17.99 15.53 -2.44
N HIS D 63 17.65 14.83 -1.36
CA HIS D 63 18.39 13.63 -0.98
C HIS D 63 17.59 12.34 -1.02
N GLY D 64 16.72 12.20 -2.02
CA GLY D 64 15.92 11.00 -2.16
C GLY D 64 15.23 10.55 -0.88
N CYS D 65 15.47 9.30 -0.52
CA CYS D 65 14.87 8.73 0.69
C CYS D 65 15.45 9.30 1.97
N ARG D 66 16.39 10.23 1.85
CA ARG D 66 17.00 10.83 3.02
C ARG D 66 16.48 12.26 3.27
N GLY D 67 15.43 12.64 2.56
CA GLY D 67 14.85 13.97 2.76
C GLY D 67 14.98 14.93 1.59
N GLY D 68 14.26 16.04 1.69
CA GLY D 68 14.29 17.05 0.65
C GLY D 68 13.15 18.03 0.81
N TRP D 69 13.12 19.04 -0.05
CA TRP D 69 12.07 20.06 -0.01
C TRP D 69 11.16 19.93 -1.23
N MET D 70 9.96 20.49 -1.15
CA MET D 70 9.00 20.42 -2.24
C MET D 70 9.33 21.30 -3.43
N ASN D 71 9.75 22.54 -3.16
CA ASN D 71 10.08 23.48 -4.22
C ASN D 71 11.10 22.95 -5.22
N PRO D 72 12.19 22.32 -4.74
CA PRO D 72 13.18 21.79 -5.68
C PRO D 72 12.52 20.73 -6.57
N ALA D 73 11.53 20.03 -6.02
CA ALA D 73 10.81 19.00 -6.75
C ALA D 73 9.93 19.67 -7.81
N PHE D 74 9.26 20.76 -7.43
CA PHE D 74 8.41 21.50 -8.35
C PHE D 74 9.29 21.97 -9.51
N GLN D 75 10.49 22.43 -9.16
CA GLN D 75 11.45 22.92 -10.15
C GLN D 75 11.84 21.83 -11.16
N PHE D 76 12.02 20.61 -10.67
CA PHE D 76 12.39 19.52 -11.55
C PHE D 76 11.29 19.28 -12.58
N ILE D 77 10.05 19.22 -12.09
CA ILE D 77 8.90 19.00 -12.96
C ILE D 77 8.87 20.07 -14.05
N VAL D 78 9.20 21.30 -13.66
CA VAL D 78 9.24 22.41 -14.61
C VAL D 78 10.37 22.18 -15.61
N ASN D 79 11.55 21.84 -15.10
CA ASN D 79 12.72 21.60 -15.93
C ASN D 79 12.52 20.40 -16.85
N ASN D 80 11.87 19.35 -16.35
CA ASN D 80 11.64 18.14 -17.11
C ASN D 80 10.48 18.28 -18.11
N GLY D 81 9.74 19.37 -18.00
CA GLY D 81 8.62 19.57 -18.90
C GLY D 81 7.44 18.71 -18.49
N GLY D 82 7.46 18.24 -17.26
CA GLY D 82 6.37 17.41 -16.77
C GLY D 82 6.82 16.29 -15.85
N ILE D 83 5.86 15.52 -15.37
CA ILE D 83 6.12 14.40 -14.47
C ILE D 83 5.43 13.15 -14.98
N ASN D 84 6.08 12.01 -14.82
CA ASN D 84 5.54 10.73 -15.27
C ASN D 84 4.34 10.34 -14.42
N SER D 85 3.57 9.38 -14.92
CA SER D 85 2.41 8.89 -14.19
C SER D 85 2.92 7.87 -13.18
N GLU D 86 2.12 7.61 -12.15
CA GLU D 86 2.48 6.65 -11.13
C GLU D 86 2.73 5.27 -11.74
N GLU D 87 1.94 4.94 -12.76
CA GLU D 87 2.03 3.64 -13.43
C GLU D 87 3.31 3.38 -14.22
N THR D 88 3.75 4.37 -15.00
CA THR D 88 4.96 4.22 -15.82
C THR D 88 6.26 4.33 -15.06
N TYR D 89 6.21 4.96 -13.88
CA TYR D 89 7.38 5.14 -13.03
C TYR D 89 6.91 4.85 -11.61
N PRO D 90 6.61 3.58 -11.30
CA PRO D 90 6.14 3.13 -9.99
C PRO D 90 7.06 3.42 -8.80
N TYR D 91 6.46 3.49 -7.62
CA TYR D 91 7.17 3.75 -6.39
C TYR D 91 7.91 2.51 -5.89
N ARG D 92 9.20 2.68 -5.59
CA ARG D 92 10.01 1.57 -5.11
C ARG D 92 10.35 1.77 -3.63
N GLY D 93 10.27 3.01 -3.16
CA GLY D 93 10.55 3.29 -1.76
C GLY D 93 12.03 3.24 -1.45
N GLN D 94 12.86 3.57 -2.43
CA GLN D 94 14.31 3.56 -2.24
C GLN D 94 14.99 4.37 -3.35
N ASP D 95 16.15 4.95 -3.03
CA ASP D 95 16.89 5.73 -4.00
C ASP D 95 17.17 4.92 -5.24
N GLY D 96 17.22 5.59 -6.38
CA GLY D 96 17.49 4.92 -7.64
C GLY D 96 18.05 5.89 -8.65
N ILE D 97 18.45 5.38 -9.81
CA ILE D 97 18.99 6.23 -10.86
C ILE D 97 17.85 6.91 -11.61
N CYS D 98 17.99 8.20 -11.87
CA CYS D 98 16.96 8.92 -12.59
C CYS D 98 16.89 8.30 -13.98
N ASN D 99 15.88 7.47 -14.20
CA ASN D 99 15.71 6.78 -15.47
C ASN D 99 15.17 7.66 -16.59
N SER D 100 16.05 8.03 -17.52
CA SER D 100 15.67 8.88 -18.65
C SER D 100 15.01 8.04 -19.75
N THR D 101 15.24 6.72 -19.72
CA THR D 101 14.68 5.81 -20.70
C THR D 101 13.17 5.70 -20.55
N VAL D 102 12.68 5.85 -19.32
CA VAL D 102 11.25 5.73 -19.05
C VAL D 102 10.56 7.10 -18.97
N ASN D 103 11.34 8.17 -19.09
CA ASN D 103 10.79 9.51 -19.03
C ASN D 103 9.68 9.73 -20.05
N ALA D 104 8.50 10.10 -19.57
CA ALA D 104 7.35 10.35 -20.42
C ALA D 104 6.31 11.14 -19.62
N PRO D 105 6.57 12.45 -19.42
CA PRO D 105 5.68 13.32 -18.66
C PRO D 105 4.25 13.33 -19.19
N VAL D 106 3.30 13.19 -18.28
CA VAL D 106 1.87 13.19 -18.62
C VAL D 106 1.24 14.46 -18.06
N VAL D 107 1.85 15.00 -17.02
CA VAL D 107 1.35 16.21 -16.37
C VAL D 107 2.47 17.24 -16.22
N SER D 108 2.21 18.46 -16.64
CA SER D 108 3.20 19.53 -16.56
C SER D 108 2.66 20.75 -15.83
N ILE D 109 3.58 21.57 -15.32
CA ILE D 109 3.22 22.78 -14.62
C ILE D 109 4.08 23.92 -15.16
N ASP D 110 3.62 25.15 -15.02
CA ASP D 110 4.36 26.30 -15.53
C ASP D 110 5.29 26.91 -14.50
N SER D 111 4.88 26.85 -13.23
CA SER D 111 5.69 27.41 -12.15
C SER D 111 5.17 26.93 -10.79
N TYR D 112 5.60 27.61 -9.74
CA TYR D 112 5.17 27.28 -8.39
C TYR D 112 5.38 28.52 -7.52
N GLU D 113 4.58 28.67 -6.49
CA GLU D 113 4.69 29.84 -5.63
C GLU D 113 4.59 29.49 -4.16
N ASN D 114 5.19 30.36 -3.34
CA ASN D 114 5.18 30.19 -1.89
C ASN D 114 4.00 30.99 -1.34
N VAL D 115 3.38 30.48 -0.29
CA VAL D 115 2.26 31.17 0.34
C VAL D 115 2.83 32.07 1.42
N PRO D 116 2.39 33.34 1.47
CA PRO D 116 2.93 34.23 2.52
C PRO D 116 2.80 33.53 3.86
N SER D 117 3.92 33.30 4.53
CA SER D 117 3.93 32.60 5.81
C SER D 117 3.32 33.33 7.00
N HIS D 118 3.25 32.61 8.11
CA HIS D 118 2.71 33.14 9.36
C HIS D 118 1.35 33.83 9.21
N ASN D 119 0.50 33.24 8.37
CA ASN D 119 -0.83 33.79 8.15
C ASN D 119 -1.79 32.70 7.68
N GLU D 120 -2.60 32.20 8.62
CA GLU D 120 -3.56 31.14 8.31
C GLU D 120 -4.60 31.61 7.29
N GLN D 121 -4.84 32.91 7.25
CA GLN D 121 -5.81 33.48 6.32
C GLN D 121 -5.25 33.36 4.91
N SER D 122 -3.95 33.61 4.78
CA SER D 122 -3.28 33.52 3.49
C SER D 122 -3.31 32.07 3.01
N LEU D 123 -3.00 31.15 3.92
CA LEU D 123 -2.99 29.73 3.60
C LEU D 123 -4.39 29.29 3.18
N GLN D 124 -5.41 29.81 3.87
CA GLN D 124 -6.79 29.47 3.56
C GLN D 124 -7.15 29.92 2.15
N LYS D 125 -6.69 31.10 1.78
CA LYS D 125 -6.97 31.64 0.46
C LYS D 125 -6.36 30.73 -0.62
N ALA D 126 -5.16 30.24 -0.34
CA ALA D 126 -4.45 29.36 -1.27
C ALA D 126 -5.15 28.01 -1.37
N VAL D 127 -5.54 27.44 -0.24
CA VAL D 127 -6.22 26.15 -0.21
C VAL D 127 -7.57 26.22 -0.90
N ALA D 128 -8.22 27.39 -0.84
CA ALA D 128 -9.51 27.58 -1.46
C ALA D 128 -9.42 27.49 -2.98
N ASN D 129 -8.20 27.63 -3.50
CA ASN D 129 -7.97 27.58 -4.94
C ASN D 129 -7.38 26.24 -5.39
N GLN D 130 -6.67 25.56 -4.50
CA GLN D 130 -6.05 24.29 -4.84
C GLN D 130 -5.35 23.67 -3.63
N PRO D 131 -5.07 22.36 -3.69
CA PRO D 131 -4.38 21.70 -2.57
C PRO D 131 -3.02 22.36 -2.40
N VAL D 132 -2.56 22.52 -1.17
CA VAL D 132 -1.28 23.17 -0.93
C VAL D 132 -0.27 22.30 -0.19
N SER D 133 0.96 22.30 -0.69
CA SER D 133 2.05 21.53 -0.07
C SER D 133 2.51 22.29 1.15
N VAL D 134 2.68 21.59 2.27
CA VAL D 134 3.12 22.22 3.50
C VAL D 134 4.03 21.33 4.32
N THR D 135 4.73 21.94 5.27
CA THR D 135 5.62 21.21 6.17
C THR D 135 5.03 21.36 7.56
N MET D 136 5.10 20.31 8.35
CA MET D 136 4.58 20.33 9.71
C MET D 136 5.50 19.54 10.62
N ASP D 137 5.37 19.76 11.92
CA ASP D 137 6.19 19.06 12.88
C ASP D 137 5.43 17.78 13.25
N ALA D 138 5.88 16.66 12.70
CA ALA D 138 5.25 15.37 12.95
C ALA D 138 6.16 14.41 13.71
N ALA D 139 7.12 14.97 14.45
CA ALA D 139 8.05 14.17 15.23
C ALA D 139 7.50 13.77 16.59
N GLY D 140 6.45 14.46 17.04
CA GLY D 140 5.87 14.18 18.33
C GLY D 140 4.91 13.01 18.36
N ARG D 141 4.75 12.43 19.55
CA ARG D 141 3.88 11.28 19.79
C ARG D 141 2.41 11.60 19.51
N ASP D 142 1.96 12.78 19.93
CA ASP D 142 0.58 13.19 19.72
C ASP D 142 0.21 13.12 18.24
N PHE D 143 1.03 13.74 17.39
CA PHE D 143 0.78 13.75 15.96
C PHE D 143 0.80 12.35 15.36
N GLN D 144 1.89 11.62 15.62
CA GLN D 144 2.06 10.28 15.09
C GLN D 144 1.02 9.26 15.58
N LEU D 145 0.51 9.46 16.79
CA LEU D 145 -0.47 8.54 17.34
C LEU D 145 -1.90 9.02 17.09
N TYR D 146 -2.04 10.08 16.30
CA TYR D 146 -3.35 10.64 15.99
C TYR D 146 -4.20 9.61 15.27
N ARG D 147 -5.47 9.49 15.68
CA ARG D 147 -6.38 8.54 15.06
C ARG D 147 -7.59 9.20 14.41
N SER D 148 -8.25 10.11 15.11
CA SER D 148 -9.42 10.78 14.55
C SER D 148 -9.77 12.08 15.26
N GLY D 149 -10.68 12.83 14.67
CA GLY D 149 -11.10 14.11 15.25
C GLY D 149 -10.19 15.25 14.83
N ILE D 150 -10.38 16.41 15.43
CA ILE D 150 -9.57 17.57 15.13
C ILE D 150 -8.34 17.54 16.04
N PHE D 151 -7.16 17.47 15.43
CA PHE D 151 -5.92 17.43 16.19
C PHE D 151 -5.64 18.73 16.94
N THR D 152 -5.60 18.64 18.26
CA THR D 152 -5.34 19.78 19.12
C THR D 152 -4.19 19.40 20.04
N GLY D 153 -3.56 18.27 19.73
CA GLY D 153 -2.45 17.76 20.53
C GLY D 153 -1.22 18.65 20.58
N SER D 154 -0.22 18.17 21.30
CA SER D 154 1.05 18.89 21.48
C SER D 154 2.03 18.64 20.33
N CYS D 155 2.58 19.73 19.79
CA CYS D 155 3.54 19.65 18.69
C CYS D 155 4.24 20.99 18.52
N ASN D 156 5.47 20.96 18.03
CA ASN D 156 6.20 22.21 17.81
C ASN D 156 6.05 22.67 16.36
N ILE D 157 6.94 23.53 15.89
CA ILE D 157 6.84 24.05 14.53
C ILE D 157 7.94 23.64 13.55
N SER D 158 8.82 22.75 13.97
CA SER D 158 9.90 22.30 13.10
C SER D 158 9.35 21.69 11.81
N ALA D 159 9.96 22.04 10.68
CA ALA D 159 9.54 21.52 9.38
C ALA D 159 10.27 20.22 9.10
N ASN D 160 9.81 19.13 9.73
CA ASN D 160 10.43 17.82 9.55
C ASN D 160 9.56 16.84 8.78
N HIS D 161 8.41 17.31 8.31
CA HIS D 161 7.50 16.45 7.55
C HIS D 161 6.72 17.26 6.53
N ALA D 162 6.55 16.69 5.34
CA ALA D 162 5.83 17.37 4.26
C ALA D 162 4.48 16.70 4.01
N LEU D 163 3.44 17.51 3.88
CA LEU D 163 2.09 17.01 3.63
C LEU D 163 1.38 17.90 2.62
N THR D 164 0.12 17.60 2.36
CA THR D 164 -0.67 18.37 1.41
C THR D 164 -2.05 18.70 1.96
N VAL D 165 -2.32 19.98 2.15
CA VAL D 165 -3.62 20.43 2.65
C VAL D 165 -4.59 20.34 1.48
N VAL D 166 -5.62 19.52 1.62
CA VAL D 166 -6.60 19.35 0.57
C VAL D 166 -7.94 20.02 0.87
N GLY D 167 -7.99 20.82 1.93
CA GLY D 167 -9.22 21.51 2.27
C GLY D 167 -9.28 22.00 3.70
N TYR D 168 -10.45 22.48 4.11
CA TYR D 168 -10.65 22.99 5.47
C TYR D 168 -12.13 23.11 5.78
N GLY D 169 -12.46 23.14 7.07
CA GLY D 169 -13.85 23.24 7.47
C GLY D 169 -14.00 23.53 8.95
N THR D 170 -15.19 23.27 9.49
CA THR D 170 -15.47 23.51 10.90
C THR D 170 -16.31 22.40 11.50
N GLU D 171 -16.08 22.13 12.78
CA GLU D 171 -16.81 21.09 13.50
C GLU D 171 -16.78 21.40 14.99
N ASN D 172 -17.93 21.32 15.63
CA ASN D 172 -18.04 21.60 17.06
C ASN D 172 -17.42 22.95 17.38
N ASP D 173 -17.72 23.92 16.54
CA ASP D 173 -17.24 25.28 16.67
C ASP D 173 -15.72 25.40 16.61
N LYS D 174 -15.07 24.41 16.01
CA LYS D 174 -13.61 24.44 15.88
C LYS D 174 -13.21 24.28 14.42
N ASP D 175 -12.39 25.20 13.94
CA ASP D 175 -11.92 25.16 12.56
C ASP D 175 -10.80 24.16 12.42
N PHE D 176 -10.63 23.62 11.22
CA PHE D 176 -9.58 22.64 10.98
C PHE D 176 -9.11 22.61 9.53
N TRP D 177 -7.95 21.99 9.33
CA TRP D 177 -7.37 21.85 8.00
C TRP D 177 -7.47 20.37 7.67
N ILE D 178 -7.78 20.04 6.41
CA ILE D 178 -7.85 18.65 5.99
C ILE D 178 -6.50 18.37 5.34
N VAL D 179 -5.63 17.66 6.04
CA VAL D 179 -4.30 17.36 5.54
C VAL D 179 -4.08 15.91 5.12
N LYS D 180 -3.61 15.73 3.89
CA LYS D 180 -3.34 14.40 3.36
C LYS D 180 -1.92 13.99 3.73
N ASN D 181 -1.79 12.86 4.41
CA ASN D 181 -0.49 12.33 4.81
C ASN D 181 -0.15 11.16 3.89
N SER D 182 1.12 10.75 3.89
CA SER D 182 1.55 9.64 3.05
C SER D 182 2.05 8.46 3.86
N TRP D 183 1.31 8.11 4.91
CA TRP D 183 1.66 6.99 5.78
C TRP D 183 0.67 5.85 5.63
N GLY D 184 -0.05 5.84 4.50
CA GLY D 184 -1.02 4.79 4.27
C GLY D 184 -2.41 5.15 4.76
N LYS D 185 -3.39 4.33 4.41
CA LYS D 185 -4.78 4.58 4.81
C LYS D 185 -5.05 4.17 6.26
N ASN D 186 -4.16 3.37 6.82
CA ASN D 186 -4.32 2.91 8.20
C ASN D 186 -3.98 3.95 9.25
N TRP D 187 -3.39 5.06 8.83
CA TRP D 187 -3.03 6.12 9.77
C TRP D 187 -4.06 7.24 9.80
N GLY D 188 -4.31 7.76 11.00
CA GLY D 188 -5.27 8.84 11.16
C GLY D 188 -6.63 8.51 10.58
N GLU D 189 -7.30 9.52 10.04
CA GLU D 189 -8.61 9.32 9.45
C GLU D 189 -8.47 8.88 7.99
N SER D 190 -8.22 7.58 7.82
CA SER D 190 -8.06 6.99 6.50
C SER D 190 -6.90 7.65 5.75
N GLY D 191 -5.82 7.95 6.48
CA GLY D 191 -4.67 8.57 5.87
C GLY D 191 -4.64 10.08 6.00
N TYR D 192 -5.70 10.66 6.56
CA TYR D 192 -5.77 12.11 6.72
C TYR D 192 -5.77 12.54 8.19
N ILE D 193 -5.41 13.79 8.41
CA ILE D 193 -5.40 14.37 9.76
C ILE D 193 -6.03 15.75 9.70
N ARG D 194 -7.04 15.98 10.53
CA ARG D 194 -7.70 17.28 10.56
C ARG D 194 -7.09 18.08 11.69
N ALA D 195 -6.10 18.91 11.36
CA ALA D 195 -5.43 19.74 12.35
C ALA D 195 -6.23 21.00 12.61
N GLU D 196 -6.24 21.45 13.87
CA GLU D 196 -6.98 22.65 14.23
C GLU D 196 -6.51 23.84 13.40
N ARG D 197 -7.46 24.66 12.98
CA ARG D 197 -7.17 25.83 12.16
C ARG D 197 -7.51 27.10 12.94
N ASN D 198 -6.87 28.20 12.56
CA ASN D 198 -7.09 29.50 13.21
C ASN D 198 -6.74 29.47 14.70
N ILE D 199 -5.53 29.02 15.01
CA ILE D 199 -5.08 28.95 16.39
C ILE D 199 -4.36 30.23 16.79
N GLU D 200 -3.91 30.28 18.04
CA GLU D 200 -3.22 31.46 18.57
C GLU D 200 -1.90 31.78 17.86
N ASN D 201 -1.01 30.79 17.81
CA ASN D 201 0.30 30.97 17.19
C ASN D 201 0.25 31.23 15.69
N PRO D 202 0.90 32.32 15.23
CA PRO D 202 0.95 32.70 13.82
C PRO D 202 1.55 31.63 12.91
N ASP D 203 2.29 30.69 13.50
CA ASP D 203 2.91 29.62 12.73
C ASP D 203 1.92 28.52 12.37
N GLY D 204 0.72 28.62 12.92
CA GLY D 204 -0.30 27.62 12.65
C GLY D 204 -0.01 26.35 13.42
N LYS D 205 -0.93 25.39 13.35
CA LYS D 205 -0.76 24.12 14.05
C LYS D 205 0.45 23.36 13.54
N CYS D 206 1.36 23.04 14.46
CA CYS D 206 2.58 22.30 14.13
C CYS D 206 3.39 23.00 13.04
N GLY D 207 3.28 24.33 12.97
CA GLY D 207 4.01 25.11 11.99
C GLY D 207 3.56 24.92 10.54
N ILE D 208 2.27 24.71 10.35
CA ILE D 208 1.70 24.49 9.02
C ILE D 208 1.81 25.68 8.06
N THR D 209 1.95 26.88 8.59
CA THR D 209 2.05 28.08 7.75
C THR D 209 3.48 28.52 7.47
N ARG D 210 4.45 27.75 7.95
CA ARG D 210 5.86 28.09 7.76
C ARG D 210 6.41 27.97 6.35
N PHE D 211 6.28 26.80 5.74
CA PHE D 211 6.80 26.59 4.40
C PHE D 211 5.79 26.00 3.42
N ALA D 212 4.74 26.76 3.13
CA ALA D 212 3.70 26.32 2.22
C ALA D 212 3.91 26.90 0.81
N SER D 213 3.72 26.05 -0.19
CA SER D 213 3.86 26.46 -1.58
C SER D 213 2.93 25.61 -2.43
N TYR D 214 2.70 26.03 -3.67
CA TYR D 214 1.82 25.31 -4.56
C TYR D 214 2.26 25.44 -6.02
N PRO D 215 1.92 24.46 -6.86
CA PRO D 215 2.30 24.51 -8.27
C PRO D 215 1.37 25.43 -9.07
N VAL D 216 1.91 26.04 -10.10
CA VAL D 216 1.12 26.94 -10.95
C VAL D 216 1.01 26.35 -12.35
N LYS D 217 -0.23 26.22 -12.83
CA LYS D 217 -0.49 25.67 -14.15
C LYS D 217 -1.51 26.55 -14.86
N LYS D 218 -1.08 27.20 -15.94
CA LYS D 218 -1.94 28.07 -16.72
C LYS D 218 -2.89 27.26 -17.59
C1 NAG E . -9.20 20.98 -20.86
C2 NAG E . -10.49 21.87 -20.70
C3 NAG E . -10.24 23.39 -20.50
C4 NAG E . -8.88 23.76 -19.88
C5 NAG E . -7.82 22.89 -20.50
C6 NAG E . -6.42 23.21 -20.03
C7 NAG E . -12.48 21.12 -21.87
C8 NAG E . -13.23 21.08 -23.18
N2 NAG E . -11.29 21.74 -21.90
O3 NAG E . -11.28 23.93 -19.65
O4 NAG E . -8.59 25.16 -20.14
O5 NAG E . -8.08 21.53 -20.15
O6 NAG E . -5.45 22.79 -20.99
O7 NAG E . -12.95 20.60 -20.86
C1 FUL E . -12.17 24.85 -20.24
C2 FUL E . -11.40 26.12 -20.69
O2 FUL E . -10.59 25.81 -21.82
C3 FUL E . -12.32 27.29 -21.06
O3 FUL E . -11.53 28.47 -21.20
C4 FUL E . -13.37 27.50 -19.97
O4 FUL E . -12.73 27.87 -18.77
C5 FUL E . -14.13 26.21 -19.77
C6 FUL E . -15.24 26.34 -18.73
O5 FUL E . -13.22 25.19 -19.32
C1 NAG E . -8.15 26.08 -19.19
C2 NAG E . -7.96 27.40 -19.97
C3 NAG E . -7.84 28.62 -19.04
C4 NAG E . -8.94 28.61 -17.97
C5 NAG E . -8.95 27.26 -17.26
C6 NAG E . -10.03 27.20 -16.20
C7 NAG E . -6.83 27.21 -22.09
C8 NAG E . -5.52 27.12 -22.86
N2 NAG E . -6.75 27.31 -20.76
O3 NAG E . -7.94 29.81 -19.81
O4 NAG E . -8.70 29.66 -17.04
O5 NAG E . -9.21 26.21 -18.21
O6 NAG E . -10.06 25.91 -15.58
O7 NAG E . -7.90 27.18 -22.69
C1 NAG F . 3.10 -16.56 -40.04
C2 NAG F . 4.06 -16.99 -38.93
C3 NAG F . 4.70 -18.32 -39.36
C4 NAG F . 3.62 -19.37 -39.70
C5 NAG F . 2.46 -18.80 -40.57
C6 NAG F . 1.24 -19.69 -40.52
C7 NAG F . 5.70 -15.34 -39.66
C8 NAG F . 6.72 -14.29 -39.26
N2 NAG F . 5.07 -15.97 -38.67
O3 NAG F . 5.53 -18.81 -38.31
O4 NAG F . 4.24 -20.46 -40.40
O5 NAG F . 2.03 -17.49 -40.10
O6 NAG F . 0.68 -19.70 -39.21
O7 NAG F . 5.49 -15.59 -40.85
C1 NAG F . 3.86 -21.78 -40.24
C2 NAG F . 4.48 -22.52 -41.44
C3 NAG F . 4.47 -24.05 -41.23
C4 NAG F . 5.02 -24.43 -39.85
C5 NAG F . 4.29 -23.63 -38.77
C6 NAG F . 4.79 -23.92 -37.37
C7 NAG F . 4.25 -22.43 -43.84
C8 NAG F . 3.39 -22.08 -45.04
N2 NAG F . 3.73 -22.20 -42.64
O3 NAG F . 5.27 -24.67 -42.24
O4 NAG F . 4.82 -25.82 -39.62
O5 NAG F . 4.47 -22.21 -39.00
O6 NAG F . 6.06 -23.31 -37.15
O7 NAG F . 5.37 -22.92 -44.01
C1 NAG G . 5.31 -20.05 22.45
C2 NAG G . 3.84 -20.47 22.36
C3 NAG G . 3.70 -21.84 23.00
C4 NAG G . 4.52 -22.81 22.12
C5 NAG G . 5.99 -22.35 22.08
C6 NAG G . 6.80 -23.17 21.09
C7 NAG G . 3.17 -18.92 24.13
C8 NAG G . 2.15 -17.91 24.60
N2 NAG G . 2.93 -19.49 22.95
O3 NAG G . 2.31 -22.22 23.02
O4 NAG G . 4.42 -24.16 22.61
O5 NAG G . 6.11 -20.96 21.66
O6 NAG G . 6.50 -22.80 19.76
O7 NAG G . 4.18 -19.16 24.81
C1 FUC G . 1.75 -22.54 24.28
C2 FUC G . 2.38 -23.87 24.79
C3 FUC G . 1.63 -24.47 25.98
C4 FUC G . 0.13 -24.49 25.71
C5 FUC G . -0.32 -23.08 25.42
C6 FUC G . -1.82 -22.99 25.19
O2 FUC G . 3.72 -23.63 25.17
O3 FUC G . 2.09 -25.79 26.20
O4 FUC G . -0.13 -25.33 24.57
O5 FUC G . 0.32 -22.62 24.20
C1 NAG G . 3.78 -25.04 21.74
C2 NAG G . 3.99 -26.55 22.01
C3 NAG G . 3.19 -27.41 21.04
C4 NAG G . 1.73 -26.98 21.03
C5 NAG G . 1.64 -25.48 20.72
C6 NAG G . 0.22 -24.96 20.70
C7 NAG G . 6.23 -26.67 22.90
C8 NAG G . 7.69 -27.06 22.68
N2 NAG G . 5.40 -26.88 21.88
O3 NAG G . 3.28 -28.77 21.42
O4 NAG G . 1.03 -27.72 20.04
O5 NAG G . 2.36 -24.73 21.73
O6 NAG G . -0.24 -24.69 22.01
O7 NAG G . 5.87 -26.20 23.98
C1 NAG H . 21.18 -8.84 -1.61
C2 NAG H . 21.41 -7.90 -2.81
C3 NAG H . 22.44 -6.80 -2.47
C4 NAG H . 22.06 -6.07 -1.17
C5 NAG H . 21.83 -7.11 -0.04
C6 NAG H . 21.35 -6.48 1.25
C7 NAG H . 21.18 -8.78 -5.05
C8 NAG H . 21.78 -9.60 -6.19
N2 NAG H . 21.91 -8.67 -3.94
O3 NAG H . 22.51 -5.85 -3.58
O4 NAG H . 23.16 -5.17 -0.82
O5 NAG H . 20.81 -8.07 -0.45
O6 NAG H . 22.03 -7.06 2.36
O7 NAG H . 20.08 -8.24 -5.19
C1 FUC H . 23.79 -5.56 -4.09
C2 FUC H . 24.59 -6.87 -4.33
C3 FUC H . 26.06 -6.60 -4.70
C4 FUC H . 26.69 -5.59 -3.74
C5 FUC H . 25.84 -4.33 -3.71
C6 FUC H . 26.40 -3.26 -2.79
O2 FUC H . 23.98 -7.62 -5.37
O3 FUC H . 26.79 -7.82 -4.67
O4 FUC H . 26.74 -6.16 -2.44
O5 FUC H . 24.53 -4.66 -3.24
C1 NAG H . 23.54 -4.51 0.36
C2 NAG H . 24.64 -4.97 1.32
C3 NAG H . 24.07 -5.06 2.75
C4 NAG H . 23.44 -3.73 3.15
C5 NAG H . 22.39 -3.30 2.11
C6 NAG H . 21.84 -1.92 2.41
C7 NAG H . 26.30 -6.72 1.42
C8 NAG H . 26.78 -8.09 0.96
N2 NAG H . 25.16 -6.27 0.92
O3 NAG H . 25.10 -5.40 3.67
O4 NAG H . 22.82 -3.85 4.43
O5 NAG H . 22.98 -3.25 0.79
O6 NAG H . 22.88 -1.06 2.88
O7 NAG H . 26.97 -6.08 2.24
C1 NAG I . 15.34 2.20 -16.81
C2 NAG I . 16.04 1.06 -16.09
C3 NAG I . 16.28 -0.05 -17.10
C4 NAG I . 14.96 -0.50 -17.75
C5 NAG I . 14.23 0.73 -18.35
C6 NAG I . 12.85 0.40 -18.85
C7 NAG I . 17.57 1.32 -14.27
C8 NAG I . 18.91 1.84 -13.76
N2 NAG I . 17.30 1.52 -15.54
O3 NAG I . 16.91 -1.17 -16.46
O4 NAG I . 15.28 -1.45 -18.81
O5 NAG I . 14.08 1.76 -17.34
O6 NAG I . 12.59 1.04 -20.08
O7 NAG I . 16.80 0.74 -13.49
C1 FUC I . 17.74 -1.92 -17.30
C2 FUC I . 18.54 -2.91 -16.45
C3 FUC I . 19.40 -3.79 -17.37
C4 FUC I . 20.28 -2.91 -18.29
C5 FUC I . 19.42 -1.85 -19.03
C6 FUC I . 20.26 -0.84 -19.77
O2 FUC I . 17.64 -3.74 -15.72
O3 FUC I . 20.23 -4.63 -16.59
O4 FUC I . 21.28 -2.26 -17.50
O5 FUC I . 18.62 -1.11 -18.08
C1 NAG I . 14.53 -2.24 -19.68
C2 NAG I . 14.62 -1.92 -21.19
C3 NAG I . 13.30 -1.30 -21.67
C4 NAG I . 12.12 -2.21 -21.30
C5 NAG I . 12.13 -2.45 -19.78
C6 NAG I . 11.00 -3.33 -19.30
C7 NAG I . 16.20 -0.77 -22.64
C8 NAG I . 17.35 0.22 -22.76
N2 NAG I . 15.73 -0.99 -21.42
O3 NAG I . 13.34 -1.11 -23.08
O4 NAG I . 10.90 -1.60 -21.68
O5 NAG I . 13.38 -3.07 -19.39
O6 NAG I . 9.79 -2.58 -19.14
O7 NAG I . 15.74 -1.31 -23.65
S1 THJ J . -4.38 2.81 -25.85
O1 THJ J . -4.35 2.71 -24.41
O2 THJ J . -4.67 1.52 -26.43
O3 THJ J . -3.12 3.31 -26.34
S2 THJ J . -5.87 4.10 -26.30
C1 NAG K . 39.02 8.08 18.45
C2 NAG K . 38.85 8.07 16.91
C3 NAG K . 39.52 9.27 16.23
C4 NAG K . 39.08 10.56 16.90
C5 NAG K . 39.41 10.48 18.40
C6 NAG K . 39.01 11.73 19.14
C7 NAG K . 38.85 6.23 15.34
C8 NAG K . 39.50 4.95 14.83
N2 NAG K . 39.42 6.85 16.37
O3 NAG K . 39.15 9.31 14.85
O4 NAG K . 39.75 11.66 16.32
O5 NAG K . 38.68 9.38 19.00
O6 NAG K . 37.59 11.82 19.27
O7 NAG K . 37.83 6.66 14.79
S1 THJ L . 18.31 -5.77 18.92
O1 THJ L . 18.66 -4.39 19.10
O2 THJ L . 17.55 -5.93 17.71
O3 THJ L . 19.50 -6.59 18.87
S2 THJ L . 17.15 -6.29 20.50
S1 THJ M . -1.76 -13.77 -10.02
O1 THJ M . -0.77 -14.72 -10.43
O2 THJ M . -1.19 -12.77 -9.17
O3 THJ M . -2.33 -13.14 -11.18
S2 THJ M . -3.19 -14.79 -9.02
S1 THJ N . 10.19 12.02 5.59
O1 THJ N . 10.19 11.21 6.78
O2 THJ N . 11.54 12.33 5.20
O3 THJ N . 9.53 11.32 4.53
S2 THJ N . 9.19 13.72 6.04
#